data_1YO8
#
_entry.id   1YO8
#
_cell.length_a   93.437
_cell.length_b   121.588
_cell.length_c   155.330
_cell.angle_alpha   90.00
_cell.angle_beta   90.00
_cell.angle_gamma   90.00
#
_symmetry.space_group_name_H-M   'I 2 2 2'
#
loop_
_entity.id
_entity.type
_entity.pdbx_description
1 polymer thrombospondin-2
2 branched alpha-D-mannopyranose-(1-4)-2-acetamido-2-deoxy-beta-D-glucopyranose-(1-4)-2-acetamido-2-deoxy-beta-D-glucopyranose
3 branched 2-acetamido-2-deoxy-beta-D-glucopyranose-(1-4)-2-acetamido-2-deoxy-beta-D-glucopyranose
4 non-polymer 2-acetamido-2-deoxy-beta-D-glucopyranose
5 non-polymer 'CALCIUM ION'
6 water water
#
_entity_poly.entity_id   1
_entity_poly.type   'polypeptide(L)'
_entity_poly.pdbx_seq_one_letter_code
;ADPDGCLSNPCFPGAQCSSFPDGSWSCGFCPVGFLGNGTHCEDLDECALVPDICFSTSKVPRCVNTQPGFHCLPCPPRYR
GNQPVGVGLEAAKTEKQVCEPENPCKDKTHNCHKHAECIYLGHFSDP(MSE)YKCECQTGYAGDGLICGEDSDLDGWPNL
NLVCATNATYHCIKDNCPHLPNSGQEDFDKDGIGDACDDDDDNDGVTDEKDNCQLLFNPRQADYDKDEVGDRCDNCPYVH
NPAQIDTDNNGEGDACSVDIDGDDVFNERDNCPYVYNTDQRDTDGDGVGDHCDNCPLVHNPDQTDVDNDLVGDQCDNNED
IDDDGHQNNQDNCPYISNANQADHDRDGQGDACDPDDDNDGVPDDRDNCRLVFNPDQEDLDGDGRGDICKDDFDNDNIPD
IDDVCPENNAISETDFRNFQ(MSE)VPLDPKGTTQIDPNWVIRHQGKELVQTANSDPGIAVGFDEFGSVDFSGTFYVNTD
RDDDYAGFVFGYQSSSRFYVV(MSE)WKQVTQTYWEDQPTRAYGYSGVSLKVVNSTTGTGEHLRNALWHTGNTPGQVRTL
WHDPRNIGWKDYTAYRWHLTHRPKTGYIRVLVHEGKQV(MSE)ADSGPIYDQTYAGGRLGLFVFSQE(MSE)VYFSDLKY
ECRDIAAGHHHHHH
;
_entity_poly.pdbx_strand_id   A
#
loop_
_chem_comp.id
_chem_comp.type
_chem_comp.name
_chem_comp.formula
CA non-polymer 'CALCIUM ION' 'Ca 2'
MAN D-saccharide, alpha linking alpha-D-mannopyranose 'C6 H12 O6'
NAG D-saccharide, beta linking 2-acetamido-2-deoxy-beta-D-glucopyranose 'C8 H15 N O6'
#
# COMPACT_ATOMS: atom_id res chain seq x y z
N ASP A 4 19.84 -57.36 54.80
CA ASP A 4 18.80 -57.72 55.81
C ASP A 4 17.89 -56.52 56.08
N GLY A 5 18.46 -55.46 56.65
CA GLY A 5 17.69 -54.28 57.00
C GLY A 5 17.00 -53.61 55.82
N CYS A 6 17.63 -53.70 54.65
CA CYS A 6 17.08 -53.12 53.42
C CYS A 6 15.84 -53.84 52.88
N LEU A 7 15.56 -55.03 53.40
CA LEU A 7 14.42 -55.84 52.96
C LEU A 7 13.06 -55.16 53.19
N SER A 8 13.00 -54.28 54.18
CA SER A 8 11.73 -53.60 54.53
C SER A 8 11.47 -52.32 53.71
N ASN A 9 12.40 -52.00 52.80
CA ASN A 9 12.35 -50.77 52.00
C ASN A 9 12.05 -49.52 52.84
N PRO A 10 13.00 -49.17 53.71
CA PRO A 10 12.84 -48.04 54.61
C PRO A 10 13.25 -46.76 53.91
N CYS A 11 13.90 -46.90 52.76
CA CYS A 11 14.34 -45.77 51.97
C CYS A 11 13.22 -45.23 51.07
N PHE A 12 13.41 -45.31 49.75
CA PHE A 12 12.56 -44.59 48.81
C PHE A 12 12.73 -45.21 47.42
N PRO A 13 11.62 -45.39 46.68
CA PRO A 13 11.67 -45.93 45.32
C PRO A 13 12.86 -45.38 44.54
N GLY A 14 13.73 -46.27 44.07
CA GLY A 14 14.90 -45.87 43.29
C GLY A 14 16.14 -45.59 44.12
N ALA A 15 15.95 -45.03 45.32
CA ALA A 15 17.05 -44.72 46.23
C ALA A 15 17.73 -45.99 46.76
N GLN A 16 19.05 -46.06 46.59
CA GLN A 16 19.82 -47.23 46.99
C GLN A 16 19.93 -47.37 48.52
N CYS A 17 19.49 -48.52 49.02
CA CYS A 17 19.55 -48.79 50.45
C CYS A 17 20.79 -49.63 50.79
N SER A 18 21.66 -49.10 51.64
CA SER A 18 22.83 -49.84 52.08
C SER A 18 22.57 -50.52 53.41
N SER A 19 22.75 -51.84 53.46
CA SER A 19 22.50 -52.62 54.68
C SER A 19 23.80 -53.05 55.39
N PHE A 20 23.79 -52.96 56.72
CA PHE A 20 24.96 -53.29 57.52
C PHE A 20 24.76 -54.61 58.30
N PRO A 21 25.86 -55.21 58.78
CA PRO A 21 25.78 -56.48 59.51
C PRO A 21 24.89 -56.45 60.78
N ASP A 22 24.80 -55.30 61.44
CA ASP A 22 24.02 -55.16 62.68
C ASP A 22 22.50 -54.88 62.51
N GLY A 23 21.99 -54.92 61.27
CA GLY A 23 20.58 -54.68 61.02
C GLY A 23 20.22 -53.25 60.60
N SER A 24 21.09 -52.30 60.94
CA SER A 24 20.90 -50.91 60.56
C SER A 24 21.02 -50.71 59.03
N TRP A 25 20.81 -49.47 58.58
CA TRP A 25 20.88 -49.18 57.15
C TRP A 25 21.10 -47.70 56.90
N SER A 26 21.41 -47.36 55.66
CA SER A 26 21.50 -45.98 55.25
C SER A 26 21.01 -45.84 53.84
N CYS A 27 20.51 -44.65 53.53
CA CYS A 27 19.93 -44.38 52.24
C CYS A 27 20.85 -43.45 51.47
N GLY A 28 21.38 -43.97 50.36
CA GLY A 28 22.31 -43.23 49.53
C GLY A 28 21.59 -42.24 48.65
N PHE A 29 21.64 -42.52 47.35
CA PHE A 29 21.10 -41.63 46.31
C PHE A 29 19.66 -41.29 46.51
N CYS A 30 19.25 -40.16 45.96
CA CYS A 30 17.87 -39.99 45.55
C CYS A 30 17.85 -40.08 44.04
N PRO A 31 16.89 -40.86 43.50
CA PRO A 31 16.86 -41.15 42.07
C PRO A 31 16.84 -39.88 41.26
N VAL A 32 17.45 -39.91 40.08
CA VAL A 32 17.62 -38.70 39.28
C VAL A 32 16.34 -37.84 39.27
N GLY A 33 16.48 -36.58 39.61
CA GLY A 33 15.39 -35.62 39.57
C GLY A 33 14.63 -35.44 40.87
N PHE A 34 15.26 -35.78 41.99
CA PHE A 34 14.63 -35.68 43.31
C PHE A 34 15.44 -34.88 44.35
N LEU A 35 14.85 -34.69 45.54
CA LEU A 35 15.41 -33.81 46.58
C LEU A 35 16.51 -34.50 47.41
N GLY A 36 16.73 -34.01 48.63
CA GLY A 36 17.70 -34.62 49.55
C GLY A 36 17.04 -35.60 50.51
N ASN A 37 17.76 -35.93 51.58
CA ASN A 37 17.30 -36.92 52.57
C ASN A 37 16.89 -38.21 51.86
N GLY A 38 17.71 -39.25 52.00
CA GLY A 38 17.43 -40.50 51.31
C GLY A 38 16.14 -41.18 51.74
N THR A 39 15.63 -40.78 52.90
CA THR A 39 14.45 -41.42 53.49
C THR A 39 13.17 -40.75 53.00
N HIS A 40 13.07 -39.45 53.24
CA HIS A 40 11.96 -38.65 52.76
C HIS A 40 12.44 -37.86 51.55
N CYS A 41 12.03 -38.29 50.36
CA CYS A 41 12.50 -37.67 49.12
C CYS A 41 11.41 -37.06 48.22
N GLU A 42 11.73 -35.92 47.61
CA GLU A 42 10.74 -35.13 46.86
C GLU A 42 11.26 -34.67 45.49
N ASP A 43 10.34 -34.24 44.63
CA ASP A 43 10.64 -33.88 43.23
C ASP A 43 11.44 -32.57 43.08
N LEU A 44 12.38 -32.56 42.13
CA LEU A 44 13.21 -31.38 41.85
C LEU A 44 12.63 -30.50 40.73
N ASP A 45 12.77 -29.19 40.89
CA ASP A 45 12.37 -28.22 39.87
C ASP A 45 13.57 -27.80 39.02
N GLU A 46 13.91 -28.63 38.04
CA GLU A 46 14.97 -28.35 37.08
C GLU A 46 14.76 -27.00 36.37
N CYS A 47 13.50 -26.59 36.26
CA CYS A 47 13.13 -25.35 35.58
C CYS A 47 13.42 -24.11 36.41
N ALA A 48 12.63 -23.94 37.47
CA ALA A 48 12.50 -22.66 38.17
C ALA A 48 13.79 -22.13 38.77
N LEU A 49 14.57 -23.00 39.42
CA LEU A 49 15.80 -22.56 40.06
C LEU A 49 17.02 -23.43 39.68
N VAL A 50 17.28 -23.55 38.39
CA VAL A 50 18.57 -24.06 37.95
C VAL A 50 19.21 -23.24 36.78
N PRO A 51 18.93 -23.59 35.52
CA PRO A 51 19.46 -22.84 34.38
C PRO A 51 18.42 -21.98 33.65
N ASP A 52 18.35 -22.12 32.33
CA ASP A 52 17.36 -21.46 31.47
C ASP A 52 17.12 -22.30 30.22
N ILE A 53 16.67 -23.54 30.46
CA ILE A 53 16.63 -24.58 29.43
C ILE A 53 15.78 -24.20 28.21
N CYS A 54 14.63 -23.59 28.46
CA CYS A 54 13.63 -23.41 27.41
C CYS A 54 13.66 -22.02 26.74
N PHE A 55 13.06 -21.94 25.56
CA PHE A 55 13.09 -20.72 24.75
C PHE A 55 12.09 -19.68 25.25
N SER A 56 12.59 -18.70 26.00
CA SER A 56 11.73 -17.66 26.59
C SER A 56 11.31 -16.62 25.56
N THR A 57 10.12 -16.84 24.98
CA THR A 57 9.59 -15.97 23.94
C THR A 57 9.15 -14.63 24.51
N SER A 58 10.11 -13.72 24.65
CA SER A 58 9.89 -12.40 25.25
C SER A 58 8.93 -12.46 26.45
N LYS A 59 9.11 -13.47 27.30
CA LYS A 59 8.22 -13.70 28.44
C LYS A 59 8.97 -14.34 29.61
N VAL A 60 8.23 -14.84 30.58
CA VAL A 60 8.83 -15.49 31.75
C VAL A 60 8.51 -17.00 31.88
N PRO A 61 7.34 -17.44 31.37
CA PRO A 61 6.97 -18.87 31.39
C PRO A 61 7.94 -19.79 30.59
N ARG A 62 7.44 -20.95 30.15
CA ARG A 62 8.05 -21.78 29.07
C ARG A 62 8.58 -23.16 29.47
N CYS A 63 9.38 -23.23 30.53
CA CYS A 63 9.86 -24.51 31.03
C CYS A 63 8.83 -25.12 31.96
N VAL A 64 8.63 -26.43 31.86
CA VAL A 64 7.58 -27.12 32.62
C VAL A 64 8.14 -28.21 33.55
N ASN A 65 7.84 -28.09 34.84
CA ASN A 65 8.33 -29.05 35.83
C ASN A 65 7.32 -30.17 36.13
N THR A 66 7.75 -31.41 35.91
CA THR A 66 6.92 -32.59 36.18
C THR A 66 7.45 -33.37 37.38
N GLN A 67 6.63 -34.25 37.93
CA GLN A 67 6.96 -34.94 39.19
C GLN A 67 8.12 -35.95 39.06
N PRO A 68 8.10 -36.80 38.03
CA PRO A 68 9.33 -37.36 37.48
C PRO A 68 9.82 -36.53 36.28
N GLY A 69 10.94 -35.83 36.44
CA GLY A 69 11.59 -35.15 35.34
C GLY A 69 11.07 -33.75 35.05
N PHE A 70 11.29 -33.29 33.81
CA PHE A 70 10.85 -31.96 33.38
C PHE A 70 10.56 -31.93 31.87
N HIS A 71 10.05 -30.79 31.39
CA HIS A 71 9.39 -30.69 30.08
C HIS A 71 9.61 -29.29 29.48
N CYS A 72 10.17 -29.24 28.27
CA CYS A 72 10.21 -28.00 27.50
C CYS A 72 8.98 -27.93 26.61
N LEU A 73 8.26 -26.82 26.64
CA LEU A 73 7.12 -26.61 25.74
C LEU A 73 7.59 -26.72 24.27
N PRO A 74 6.71 -27.13 23.36
CA PRO A 74 7.07 -27.11 21.94
C PRO A 74 7.25 -25.64 21.52
N CYS A 75 8.12 -25.40 20.55
CA CYS A 75 8.34 -24.04 20.09
C CYS A 75 6.99 -23.39 19.80
N PRO A 76 6.81 -22.15 20.28
CA PRO A 76 5.55 -21.42 20.09
C PRO A 76 5.37 -20.99 18.64
N PRO A 77 4.14 -20.68 18.22
CA PRO A 77 3.87 -20.29 16.83
C PRO A 77 4.89 -19.28 16.30
N ARG A 78 5.10 -19.27 14.98
CA ARG A 78 6.11 -18.40 14.34
C ARG A 78 7.55 -18.93 14.53
N TYR A 79 7.70 -19.98 15.34
CA TYR A 79 9.00 -20.59 15.56
C TYR A 79 8.99 -22.10 15.30
N ARG A 80 10.19 -22.70 15.28
CA ARG A 80 10.35 -24.14 15.09
C ARG A 80 11.71 -24.62 15.60
N GLY A 81 11.71 -25.76 16.28
CA GLY A 81 12.95 -26.35 16.76
C GLY A 81 12.76 -27.74 17.29
N ASN A 82 13.39 -28.01 18.42
CA ASN A 82 13.26 -29.28 19.11
C ASN A 82 12.53 -29.08 20.44
N GLN A 83 12.19 -30.19 21.11
CA GLN A 83 11.48 -30.13 22.39
C GLN A 83 12.20 -30.96 23.47
N PRO A 84 13.12 -30.32 24.18
CA PRO A 84 13.88 -30.99 25.25
C PRO A 84 13.02 -31.68 26.29
N VAL A 85 13.30 -32.96 26.47
CA VAL A 85 12.70 -33.77 27.53
C VAL A 85 13.85 -34.35 28.34
N GLY A 86 13.75 -34.22 29.67
CA GLY A 86 14.82 -34.66 30.53
C GLY A 86 14.34 -35.36 31.78
N VAL A 87 14.98 -36.49 32.08
CA VAL A 87 14.84 -37.15 33.38
C VAL A 87 16.09 -36.82 34.17
N GLY A 88 15.96 -35.96 35.17
CA GLY A 88 17.06 -35.69 36.07
C GLY A 88 17.59 -34.27 36.05
N LEU A 89 18.83 -34.10 36.49
CA LEU A 89 19.38 -32.78 36.77
C LEU A 89 20.66 -32.47 35.99
N GLU A 90 21.45 -33.50 35.68
CA GLU A 90 22.63 -33.32 34.85
C GLU A 90 22.25 -33.27 33.37
N ALA A 91 21.04 -33.73 33.06
CA ALA A 91 20.48 -33.61 31.73
C ALA A 91 19.88 -32.21 31.49
N ALA A 92 19.94 -31.36 32.52
CA ALA A 92 19.29 -30.04 32.48
C ALA A 92 20.22 -28.89 32.09
N LYS A 93 21.46 -28.96 32.54
CA LYS A 93 22.48 -27.98 32.15
C LYS A 93 22.91 -28.25 30.72
N THR A 94 23.06 -29.53 30.38
CA THR A 94 23.25 -29.96 29.02
C THR A 94 21.90 -29.99 28.33
N GLU A 95 21.90 -29.85 27.00
CA GLU A 95 20.68 -29.86 26.19
C GLU A 95 19.81 -28.60 26.38
N LYS A 96 19.74 -27.78 25.33
CA LYS A 96 19.08 -26.48 25.41
C LYS A 96 18.22 -26.23 24.18
N GLN A 97 16.99 -25.75 24.40
CA GLN A 97 16.02 -25.51 23.31
C GLN A 97 16.43 -24.39 22.36
N VAL A 98 16.66 -24.75 21.10
CA VAL A 98 16.87 -23.76 20.05
C VAL A 98 15.60 -23.66 19.20
N CYS A 99 14.99 -22.48 19.21
CA CYS A 99 13.81 -22.20 18.38
C CYS A 99 14.17 -21.18 17.30
N GLU A 100 13.92 -21.53 16.03
CA GLU A 100 14.22 -20.64 14.90
C GLU A 100 13.00 -19.87 14.42
N PRO A 101 13.17 -18.62 14.01
CA PRO A 101 12.08 -17.84 13.39
C PRO A 101 11.65 -18.38 12.01
N GLU A 102 10.41 -18.87 11.92
CA GLU A 102 9.86 -19.46 10.70
C GLU A 102 9.87 -18.49 9.54
N ASN A 103 9.85 -19.05 8.33
CA ASN A 103 9.78 -18.28 7.08
C ASN A 103 9.55 -19.24 5.92
N PRO A 104 8.29 -19.54 5.60
CA PRO A 104 7.98 -20.48 4.52
C PRO A 104 8.52 -20.04 3.13
N CYS A 105 8.81 -18.75 2.96
CA CYS A 105 9.43 -18.28 1.74
C CYS A 105 10.90 -18.71 1.62
N LYS A 106 11.70 -18.45 2.65
CA LYS A 106 13.10 -18.84 2.65
C LYS A 106 13.29 -20.32 3.00
N ASP A 107 12.33 -20.90 3.72
CA ASP A 107 12.41 -22.30 4.16
C ASP A 107 11.88 -23.28 3.11
N LYS A 108 11.51 -22.75 1.94
CA LYS A 108 10.79 -23.50 0.90
C LYS A 108 9.75 -24.53 1.43
N THR A 109 8.96 -24.14 2.41
CA THR A 109 7.86 -24.98 2.90
C THR A 109 6.49 -24.47 2.42
N HIS A 110 6.50 -23.47 1.54
CA HIS A 110 5.28 -22.80 1.07
C HIS A 110 4.45 -23.68 0.13
N ASN A 111 3.20 -23.29 -0.04
CA ASN A 111 2.27 -24.01 -0.92
C ASN A 111 2.01 -23.25 -2.23
N CYS A 112 2.91 -22.33 -2.58
CA CYS A 112 2.75 -21.45 -3.74
C CYS A 112 2.99 -22.15 -5.10
N HIS A 113 2.30 -21.65 -6.11
CA HIS A 113 2.40 -22.11 -7.46
C HIS A 113 3.79 -21.86 -8.06
N LYS A 114 4.22 -22.80 -8.92
CA LYS A 114 5.45 -22.70 -9.68
C LYS A 114 5.66 -21.29 -10.24
N HIS A 115 4.56 -20.64 -10.64
CA HIS A 115 4.59 -19.30 -11.22
C HIS A 115 4.02 -18.28 -10.25
N ALA A 116 4.12 -18.60 -8.97
CA ALA A 116 3.74 -17.69 -7.92
C ALA A 116 4.99 -17.35 -7.14
N GLU A 117 4.97 -16.16 -6.52
CA GLU A 117 6.02 -15.78 -5.59
C GLU A 117 5.50 -15.97 -4.17
N CYS A 118 6.32 -16.56 -3.31
CA CYS A 118 6.06 -16.54 -1.89
C CYS A 118 6.55 -15.21 -1.38
N ILE A 119 5.66 -14.47 -0.72
CA ILE A 119 5.99 -13.17 -0.21
C ILE A 119 5.91 -13.18 1.31
N TYR A 120 7.06 -12.93 1.93
CA TYR A 120 7.15 -12.85 3.38
C TYR A 120 6.49 -11.55 3.85
N LEU A 121 5.48 -11.67 4.71
CA LEU A 121 4.74 -10.51 5.18
C LEU A 121 5.33 -9.90 6.46
N GLY A 122 6.33 -10.54 7.04
CA GLY A 122 6.97 -10.04 8.25
C GLY A 122 6.72 -11.00 9.38
N HIS A 123 7.69 -11.11 10.30
CA HIS A 123 7.57 -12.11 11.37
C HIS A 123 6.21 -12.14 12.07
N PHE A 124 5.67 -10.98 12.42
CA PHE A 124 4.51 -10.95 13.31
C PHE A 124 3.16 -10.88 12.57
N SER A 125 3.18 -11.04 11.25
CA SER A 125 1.97 -10.86 10.45
C SER A 125 1.01 -12.04 10.53
N ASP A 126 -0.28 -11.77 10.29
CA ASP A 126 -1.29 -12.84 10.21
C ASP A 126 -2.03 -12.83 8.87
N PRO A 127 -1.66 -13.73 7.93
CA PRO A 127 -0.57 -14.71 8.11
C PRO A 127 0.83 -14.15 7.84
N MSE A 128 1.84 -14.99 8.04
CA MSE A 128 3.23 -14.61 7.91
C MSE A 128 3.67 -14.42 6.47
O MSE A 128 4.58 -13.63 6.18
CB MSE A 128 4.11 -15.65 8.58
CG MSE A 128 4.12 -15.53 10.09
SE MSE A 128 5.13 -16.97 10.95
CE MSE A 128 7.03 -16.30 10.61
N TYR A 129 3.06 -15.17 5.56
CA TYR A 129 3.42 -15.12 4.15
C TYR A 129 2.18 -15.24 3.29
N LYS A 130 2.30 -14.87 2.02
CA LYS A 130 1.24 -15.13 1.07
C LYS A 130 1.76 -15.58 -0.31
N CYS A 131 0.86 -16.09 -1.14
CA CYS A 131 1.17 -16.44 -2.51
C CYS A 131 0.55 -15.44 -3.47
N GLU A 132 1.41 -14.84 -4.31
CA GLU A 132 0.97 -13.97 -5.38
C GLU A 132 1.53 -14.50 -6.67
N CYS A 133 0.69 -14.52 -7.70
CA CYS A 133 1.11 -14.92 -9.03
C CYS A 133 2.11 -13.92 -9.56
N GLN A 134 3.15 -14.41 -10.23
CA GLN A 134 4.15 -13.52 -10.84
C GLN A 134 3.54 -12.74 -12.02
N THR A 135 4.16 -11.59 -12.31
CA THR A 135 3.83 -10.80 -13.49
C THR A 135 3.72 -11.66 -14.76
N GLY A 136 2.63 -11.48 -15.50
CA GLY A 136 2.32 -12.29 -16.66
C GLY A 136 1.42 -13.47 -16.33
N TYR A 137 1.09 -13.60 -15.05
CA TYR A 137 0.17 -14.63 -14.60
C TYR A 137 -0.91 -14.03 -13.70
N ALA A 138 -2.00 -14.75 -13.55
CA ALA A 138 -3.07 -14.37 -12.66
C ALA A 138 -3.65 -15.60 -11.96
N GLY A 139 -4.15 -15.41 -10.74
CA GLY A 139 -4.81 -16.46 -9.99
C GLY A 139 -4.97 -16.11 -8.53
N ASP A 140 -5.05 -17.13 -7.69
CA ASP A 140 -5.17 -16.95 -6.25
C ASP A 140 -3.87 -17.28 -5.51
N GLY A 141 -2.78 -17.40 -6.26
CA GLY A 141 -1.50 -17.75 -5.63
C GLY A 141 -1.24 -19.25 -5.57
N LEU A 142 -2.29 -20.04 -5.38
CA LEU A 142 -2.15 -21.50 -5.38
C LEU A 142 -2.18 -22.00 -6.82
N ILE A 143 -3.04 -21.39 -7.63
CA ILE A 143 -3.07 -21.64 -9.07
C ILE A 143 -2.89 -20.34 -9.87
N CYS A 144 -2.01 -20.40 -10.86
CA CYS A 144 -1.62 -19.25 -11.65
C CYS A 144 -1.69 -19.58 -13.12
N GLY A 145 -2.42 -18.79 -13.89
CA GLY A 145 -2.47 -18.96 -15.34
C GLY A 145 -1.98 -17.73 -16.10
N GLU A 146 -1.88 -17.85 -17.42
CA GLU A 146 -1.44 -16.75 -18.26
C GLU A 146 -2.34 -15.53 -18.08
N ASP A 147 -1.71 -14.38 -17.89
CA ASP A 147 -2.42 -13.12 -17.88
C ASP A 147 -1.74 -12.19 -18.90
N SER A 148 -2.21 -12.24 -20.13
CA SER A 148 -1.41 -11.75 -21.25
C SER A 148 -1.33 -10.22 -21.36
N ASP A 149 -2.23 -9.50 -20.68
CA ASP A 149 -2.24 -8.03 -20.67
C ASP A 149 -1.94 -7.47 -19.28
N LEU A 150 -1.57 -8.32 -18.35
CA LEU A 150 -1.12 -7.90 -17.03
C LEU A 150 -2.15 -7.09 -16.23
N ASP A 151 -3.44 -7.35 -16.42
CA ASP A 151 -4.45 -6.64 -15.68
C ASP A 151 -5.00 -7.46 -14.52
N GLY A 152 -4.27 -8.53 -14.15
CA GLY A 152 -4.62 -9.38 -13.01
C GLY A 152 -5.78 -10.34 -13.22
N TRP A 153 -6.41 -10.30 -14.40
CA TRP A 153 -7.42 -11.28 -14.78
C TRP A 153 -6.90 -12.24 -15.85
N PRO A 154 -6.96 -13.54 -15.57
CA PRO A 154 -6.29 -14.54 -16.41
C PRO A 154 -7.04 -14.76 -17.71
N ASN A 155 -6.35 -15.16 -18.78
CA ASN A 155 -6.98 -15.31 -20.10
C ASN A 155 -8.11 -16.36 -20.11
N LEU A 156 -8.03 -17.34 -19.21
CA LEU A 156 -9.03 -18.39 -19.10
C LEU A 156 -9.61 -18.48 -17.70
N ASN A 157 -10.79 -19.10 -17.60
CA ASN A 157 -11.28 -19.62 -16.32
C ASN A 157 -10.31 -20.62 -15.73
N LEU A 158 -9.99 -20.46 -14.46
CA LEU A 158 -9.09 -21.40 -13.78
C LEU A 158 -9.79 -22.20 -12.68
N VAL A 159 -9.14 -23.27 -12.24
CA VAL A 159 -9.67 -24.09 -11.15
C VAL A 159 -9.50 -23.41 -9.77
N CYS A 160 -9.79 -22.12 -9.73
CA CYS A 160 -10.12 -21.44 -8.49
C CYS A 160 -11.35 -20.58 -8.73
N ALA A 161 -12.02 -20.81 -9.87
CA ALA A 161 -13.19 -20.00 -10.27
C ALA A 161 -14.41 -20.19 -9.35
N THR A 162 -14.32 -21.11 -8.40
CA THR A 162 -15.40 -21.36 -7.46
C THR A 162 -15.04 -20.91 -6.04
N ASN A 163 -13.79 -21.14 -5.64
CA ASN A 163 -13.36 -20.83 -4.26
C ASN A 163 -12.74 -19.44 -4.03
N ALA A 164 -12.72 -18.59 -5.08
CA ALA A 164 -12.01 -17.30 -5.00
C ALA A 164 -12.82 -16.05 -5.41
N THR A 165 -12.48 -14.93 -4.79
CA THR A 165 -13.10 -13.63 -5.08
C THR A 165 -12.59 -13.02 -6.39
N TYR A 166 -11.27 -12.88 -6.51
CA TYR A 166 -10.67 -12.18 -7.66
C TYR A 166 -9.66 -13.06 -8.41
N HIS A 167 -9.33 -12.64 -9.65
CA HIS A 167 -8.27 -13.24 -10.49
C HIS A 167 -8.52 -14.69 -10.92
N CYS A 168 -9.75 -15.17 -10.81
CA CYS A 168 -10.12 -16.48 -11.31
C CYS A 168 -11.43 -16.38 -12.07
N ILE A 169 -11.32 -16.29 -13.39
CA ILE A 169 -12.45 -16.16 -14.31
C ILE A 169 -11.99 -15.43 -15.57
N LYS A 170 -12.49 -15.89 -16.72
CA LYS A 170 -11.99 -15.46 -18.03
C LYS A 170 -11.97 -13.95 -18.09
N ASP A 171 -10.78 -13.38 -18.27
CA ASP A 171 -10.65 -11.95 -18.56
C ASP A 171 -11.65 -11.65 -19.70
N ASN A 172 -12.50 -10.64 -19.51
CA ASN A 172 -13.57 -10.35 -20.47
C ASN A 172 -13.14 -9.38 -21.58
N CYS A 173 -11.87 -8.96 -21.52
CA CYS A 173 -11.15 -8.30 -22.61
C CYS A 173 -9.70 -8.82 -22.57
N PRO A 174 -9.45 -9.99 -23.16
CA PRO A 174 -8.17 -10.69 -22.95
C PRO A 174 -6.94 -9.87 -23.32
N HIS A 175 -7.06 -8.99 -24.32
CA HIS A 175 -5.91 -8.23 -24.85
C HIS A 175 -5.92 -6.74 -24.50
N LEU A 176 -6.89 -6.31 -23.71
CA LEU A 176 -6.96 -4.91 -23.30
C LEU A 176 -7.10 -4.78 -21.78
N PRO A 177 -6.10 -4.20 -21.13
CA PRO A 177 -6.16 -4.02 -19.67
C PRO A 177 -7.47 -3.43 -19.25
N ASN A 178 -8.17 -4.13 -18.36
CA ASN A 178 -9.44 -3.67 -17.82
C ASN A 178 -9.74 -4.33 -16.45
N SER A 179 -8.93 -3.95 -15.46
CA SER A 179 -8.81 -4.64 -14.17
C SER A 179 -10.07 -4.58 -13.35
N GLY A 180 -11.00 -3.75 -13.76
CA GLY A 180 -12.31 -3.74 -13.14
C GLY A 180 -13.31 -4.65 -13.81
N GLN A 181 -13.03 -5.07 -15.04
CA GLN A 181 -13.87 -6.07 -15.71
C GLN A 181 -15.34 -5.64 -15.84
N GLU A 182 -15.59 -4.33 -15.73
CA GLU A 182 -16.91 -3.75 -16.01
C GLU A 182 -17.47 -4.37 -17.27
N ASP A 183 -18.68 -4.90 -17.15
CA ASP A 183 -19.41 -5.48 -18.27
C ASP A 183 -20.88 -5.18 -18.07
N PHE A 184 -21.33 -4.05 -18.61
CA PHE A 184 -22.65 -3.52 -18.31
C PHE A 184 -23.81 -4.43 -18.76
N ASP A 185 -23.80 -4.84 -20.03
CA ASP A 185 -24.90 -5.64 -20.58
C ASP A 185 -24.75 -7.11 -20.21
N LYS A 186 -23.61 -7.46 -19.61
CA LYS A 186 -23.34 -8.79 -19.09
C LYS A 186 -23.24 -9.83 -20.21
N ASP A 187 -22.79 -9.39 -21.38
CA ASP A 187 -22.61 -10.32 -22.51
C ASP A 187 -21.20 -10.93 -22.56
N GLY A 188 -20.46 -10.83 -21.45
CA GLY A 188 -19.18 -11.49 -21.32
C GLY A 188 -18.06 -10.81 -22.09
N ILE A 189 -18.40 -9.69 -22.72
CA ILE A 189 -17.44 -8.82 -23.39
C ILE A 189 -17.38 -7.53 -22.60
N GLY A 190 -16.26 -7.28 -21.95
CA GLY A 190 -16.13 -6.16 -21.04
C GLY A 190 -16.34 -4.81 -21.70
N ASP A 191 -16.77 -3.82 -20.93
CA ASP A 191 -16.98 -2.48 -21.46
C ASP A 191 -15.81 -2.00 -22.30
N ALA A 192 -14.60 -2.32 -21.87
CA ALA A 192 -13.39 -1.71 -22.42
C ALA A 192 -13.15 -2.02 -23.87
N CYS A 193 -13.58 -3.19 -24.32
CA CYS A 193 -13.35 -3.64 -25.70
C CYS A 193 -14.66 -3.88 -26.40
N ASP A 194 -15.74 -3.87 -25.63
CA ASP A 194 -17.08 -4.00 -26.16
C ASP A 194 -17.41 -2.82 -27.04
N ASP A 195 -18.00 -3.12 -28.19
CA ASP A 195 -18.28 -2.12 -29.24
C ASP A 195 -19.58 -1.38 -28.99
N ASP A 196 -20.49 -2.06 -28.30
CA ASP A 196 -21.79 -1.51 -27.96
C ASP A 196 -22.11 -1.98 -26.54
N ASP A 197 -21.85 -1.11 -25.59
CA ASP A 197 -21.78 -1.46 -24.17
C ASP A 197 -23.10 -1.87 -23.55
N ASP A 198 -24.21 -1.45 -24.16
CA ASP A 198 -25.53 -1.68 -23.57
C ASP A 198 -26.43 -2.46 -24.50
N ASN A 199 -25.85 -2.97 -25.59
CA ASN A 199 -26.58 -3.84 -26.53
C ASN A 199 -27.90 -3.22 -27.00
N ASP A 200 -27.84 -1.97 -27.43
CA ASP A 200 -29.00 -1.34 -28.02
C ASP A 200 -28.80 -0.97 -29.50
N GLY A 201 -27.75 -1.50 -30.11
CA GLY A 201 -27.50 -1.30 -31.54
C GLY A 201 -26.76 -0.02 -31.90
N VAL A 202 -26.85 1.00 -31.05
CA VAL A 202 -26.06 2.21 -31.25
C VAL A 202 -24.65 1.98 -30.72
N THR A 203 -23.69 2.02 -31.64
CA THR A 203 -22.29 1.88 -31.32
C THR A 203 -21.88 3.00 -30.34
N ASP A 204 -21.06 2.66 -29.33
CA ASP A 204 -20.87 3.61 -28.22
C ASP A 204 -20.19 4.93 -28.57
N GLU A 205 -19.40 4.94 -29.65
CA GLU A 205 -18.81 6.19 -30.14
C GLU A 205 -19.91 7.18 -30.55
N LYS A 206 -21.00 6.64 -31.10
CA LYS A 206 -22.15 7.44 -31.52
C LYS A 206 -23.23 7.54 -30.43
N ASP A 207 -23.25 6.56 -29.53
CA ASP A 207 -24.27 6.44 -28.48
C ASP A 207 -24.17 7.57 -27.42
N ASN A 208 -25.22 8.39 -27.29
CA ASN A 208 -25.25 9.49 -26.31
C ASN A 208 -25.70 9.08 -24.90
N CYS A 209 -25.88 7.77 -24.70
CA CYS A 209 -26.14 7.19 -23.40
C CYS A 209 -25.49 5.80 -23.36
N GLN A 210 -24.16 5.77 -23.21
CA GLN A 210 -23.37 4.57 -23.48
C GLN A 210 -23.66 3.37 -22.59
N LEU A 211 -24.01 3.65 -21.33
CA LEU A 211 -24.30 2.60 -20.36
C LEU A 211 -25.78 2.60 -19.96
N LEU A 212 -26.64 2.92 -20.93
CA LEU A 212 -28.09 2.80 -20.75
C LEU A 212 -28.82 2.60 -22.07
N PHE A 213 -29.72 1.61 -22.08
CA PHE A 213 -30.45 1.21 -23.27
C PHE A 213 -31.38 2.34 -23.74
N ASN A 214 -30.99 3.03 -24.80
CA ASN A 214 -31.87 4.03 -25.43
C ASN A 214 -31.70 4.15 -26.97
N PRO A 215 -32.43 3.32 -27.71
CA PRO A 215 -32.26 3.21 -29.18
C PRO A 215 -32.76 4.44 -29.93
N ARG A 216 -33.72 5.15 -29.35
CA ARG A 216 -34.28 6.37 -29.96
C ARG A 216 -33.32 7.55 -29.88
N GLN A 217 -32.48 7.58 -28.83
CA GLN A 217 -31.43 8.59 -28.64
C GLN A 217 -31.96 9.94 -28.17
N ALA A 218 -33.13 9.94 -27.54
CA ALA A 218 -33.80 11.19 -27.13
C ALA A 218 -32.91 12.14 -26.30
N ASP A 219 -32.69 13.35 -26.80
CA ASP A 219 -31.79 14.32 -26.17
C ASP A 219 -32.41 15.74 -26.14
N TYR A 220 -33.20 16.01 -25.10
CA TYR A 220 -33.97 17.25 -25.04
C TYR A 220 -33.10 18.51 -25.25
N ASP A 221 -32.25 18.82 -24.26
CA ASP A 221 -31.18 19.80 -24.50
C ASP A 221 -30.08 19.13 -25.30
N LYS A 222 -29.43 19.90 -26.17
CA LYS A 222 -28.52 19.33 -27.15
C LYS A 222 -27.13 19.10 -26.59
N ASP A 223 -27.07 18.84 -25.27
CA ASP A 223 -25.80 18.58 -24.58
C ASP A 223 -25.22 17.20 -24.89
N GLU A 224 -25.86 16.49 -25.82
CA GLU A 224 -25.36 15.23 -26.36
C GLU A 224 -25.25 14.07 -25.34
N VAL A 225 -25.92 14.24 -24.20
CA VAL A 225 -26.09 13.16 -23.23
C VAL A 225 -27.58 12.87 -23.12
N GLY A 226 -28.00 11.77 -23.76
CA GLY A 226 -29.40 11.42 -23.94
C GLY A 226 -30.25 11.36 -22.70
N ASP A 227 -31.57 11.36 -22.89
CA ASP A 227 -32.55 11.58 -21.82
C ASP A 227 -32.43 10.60 -20.64
N ARG A 228 -32.44 9.31 -20.94
CA ARG A 228 -32.58 8.30 -19.89
C ARG A 228 -31.32 8.07 -19.02
N CYS A 229 -30.24 8.80 -19.32
CA CYS A 229 -29.03 8.76 -18.46
C CYS A 229 -28.55 10.14 -18.01
N ASP A 230 -29.24 11.18 -18.49
CA ASP A 230 -28.95 12.58 -18.15
C ASP A 230 -29.45 12.90 -16.74
N ASN A 231 -28.53 13.29 -15.86
CA ASN A 231 -28.89 13.58 -14.46
C ASN A 231 -29.54 14.94 -14.34
N CYS A 232 -29.48 15.71 -15.42
CA CYS A 232 -30.16 17.00 -15.51
C CYS A 232 -30.81 17.13 -16.89
N PRO A 233 -31.98 16.51 -17.04
CA PRO A 233 -32.54 16.25 -18.38
C PRO A 233 -32.76 17.54 -19.19
N TYR A 234 -33.13 18.63 -18.54
CA TYR A 234 -33.56 19.85 -19.22
C TYR A 234 -32.45 20.88 -19.30
N VAL A 235 -31.32 20.60 -18.64
CA VAL A 235 -30.24 21.56 -18.57
C VAL A 235 -28.97 21.03 -19.21
N HIS A 236 -28.36 21.85 -20.05
CA HIS A 236 -27.13 21.48 -20.73
C HIS A 236 -26.02 21.18 -19.70
N ASN A 237 -25.44 19.97 -19.78
CA ASN A 237 -24.33 19.56 -18.89
C ASN A 237 -23.62 18.24 -19.27
N PRO A 238 -22.68 18.33 -20.22
CA PRO A 238 -22.09 17.14 -20.84
C PRO A 238 -21.16 16.38 -19.89
N ALA A 239 -20.77 17.01 -18.78
CA ALA A 239 -19.90 16.36 -17.80
C ALA A 239 -20.69 15.56 -16.75
N GLN A 240 -22.01 15.75 -16.72
CA GLN A 240 -22.88 15.05 -15.78
C GLN A 240 -22.27 15.02 -14.37
N ILE A 241 -21.75 16.14 -13.91
CA ILE A 241 -21.15 16.14 -12.59
C ILE A 241 -22.23 16.09 -11.55
N ASP A 242 -22.06 15.13 -10.63
CA ASP A 242 -22.99 14.92 -9.54
C ASP A 242 -22.19 14.78 -8.25
N THR A 243 -21.96 15.91 -7.60
CA THR A 243 -21.11 16.01 -6.42
C THR A 243 -21.46 15.01 -5.30
N ASP A 244 -22.75 14.89 -4.99
CA ASP A 244 -23.22 13.95 -3.94
C ASP A 244 -23.77 12.63 -4.50
N ASN A 245 -23.38 12.27 -5.71
CA ASN A 245 -23.79 11.00 -6.34
C ASN A 245 -25.22 10.55 -5.96
N ASN A 246 -26.18 11.47 -6.12
CA ASN A 246 -27.59 11.21 -5.81
C ASN A 246 -28.50 10.98 -7.03
N GLY A 247 -27.97 11.22 -8.21
CA GLY A 247 -28.68 10.95 -9.43
C GLY A 247 -29.19 12.19 -10.11
N GLU A 248 -29.13 13.32 -9.37
CA GLU A 248 -29.45 14.62 -9.93
C GLU A 248 -28.17 15.45 -10.03
N GLY A 249 -27.79 15.78 -11.26
CA GLY A 249 -26.52 16.44 -11.53
C GLY A 249 -26.45 17.86 -11.03
N ASP A 250 -25.22 18.35 -10.86
CA ASP A 250 -24.95 19.70 -10.34
C ASP A 250 -25.66 20.81 -11.09
N ALA A 251 -25.68 20.71 -12.42
CA ALA A 251 -26.26 21.77 -13.25
C ALA A 251 -27.66 22.22 -12.81
N CYS A 252 -28.51 21.27 -12.43
CA CYS A 252 -29.89 21.59 -12.02
C CYS A 252 -30.12 21.45 -10.52
N SER A 253 -29.05 21.56 -9.73
CA SER A 253 -29.16 21.42 -8.29
C SER A 253 -28.88 22.72 -7.57
N VAL A 254 -29.73 23.06 -6.61
CA VAL A 254 -29.56 24.28 -5.84
C VAL A 254 -28.68 24.01 -4.64
N ASP A 255 -28.36 22.75 -4.44
CA ASP A 255 -27.61 22.28 -3.30
C ASP A 255 -26.84 21.05 -3.75
N ILE A 256 -25.76 21.29 -4.49
CA ILE A 256 -25.06 20.23 -5.19
C ILE A 256 -24.42 19.20 -4.27
N ASP A 257 -24.07 19.61 -3.07
CA ASP A 257 -23.41 18.69 -2.13
C ASP A 257 -24.36 18.04 -1.11
N GLY A 258 -25.66 18.36 -1.20
CA GLY A 258 -26.69 17.75 -0.38
C GLY A 258 -26.59 18.06 1.10
N ASP A 259 -25.97 19.17 1.45
CA ASP A 259 -25.78 19.53 2.87
C ASP A 259 -26.80 20.51 3.40
N ASP A 260 -27.78 20.86 2.56
CA ASP A 260 -28.93 21.66 2.97
C ASP A 260 -28.69 23.17 2.96
N VAL A 261 -27.42 23.56 2.89
CA VAL A 261 -27.04 24.96 2.67
C VAL A 261 -26.92 25.18 1.16
N PHE A 262 -27.74 26.06 0.62
CA PHE A 262 -27.84 26.23 -0.83
C PHE A 262 -26.57 26.84 -1.40
N ASN A 263 -26.24 26.47 -2.64
CA ASN A 263 -25.14 27.09 -3.36
C ASN A 263 -25.34 28.58 -3.31
N GLU A 264 -24.27 29.32 -3.04
CA GLU A 264 -24.30 30.79 -3.07
C GLU A 264 -24.44 31.30 -1.66
N ARG A 265 -25.00 30.48 -0.80
CA ARG A 265 -24.89 30.67 0.64
C ARG A 265 -23.75 29.81 1.18
N ASP A 266 -23.57 28.65 0.54
CA ASP A 266 -22.62 27.65 1.01
C ASP A 266 -21.17 28.14 0.93
N ASN A 267 -20.51 28.20 2.08
CA ASN A 267 -19.12 28.64 2.10
C ASN A 267 -18.11 27.53 1.76
N CYS A 268 -18.67 26.36 1.40
CA CYS A 268 -17.93 25.24 0.84
C CYS A 268 -18.89 24.53 -0.09
N PRO A 269 -19.25 25.15 -1.21
CA PRO A 269 -20.33 24.63 -2.06
C PRO A 269 -20.16 23.15 -2.49
N TYR A 270 -18.93 22.63 -2.50
CA TYR A 270 -18.70 21.26 -2.96
C TYR A 270 -18.57 20.26 -1.81
N VAL A 271 -18.33 20.77 -0.62
CA VAL A 271 -18.03 19.90 0.50
C VAL A 271 -19.12 20.05 1.54
N TYR A 272 -19.67 18.92 1.95
CA TYR A 272 -20.73 18.85 2.93
C TYR A 272 -20.27 19.50 4.23
N ASN A 273 -20.97 20.58 4.62
CA ASN A 273 -20.67 21.24 5.90
C ASN A 273 -21.86 22.03 6.49
N THR A 274 -22.87 21.29 6.97
CA THR A 274 -24.06 21.88 7.60
C THR A 274 -23.66 23.00 8.58
N ASP A 275 -22.56 22.76 9.28
CA ASP A 275 -22.12 23.58 10.37
C ASP A 275 -21.58 24.95 9.89
N GLN A 276 -21.10 25.00 8.65
CA GLN A 276 -20.75 26.26 7.96
C GLN A 276 -19.64 27.07 8.61
N ARG A 277 -18.83 26.44 9.45
CA ARG A 277 -17.81 27.16 10.23
C ARG A 277 -16.68 27.77 9.39
N ASP A 278 -16.34 29.01 9.73
CA ASP A 278 -15.41 29.84 8.96
C ASP A 278 -14.53 30.61 9.92
N THR A 279 -13.61 29.91 10.59
CA THR A 279 -12.74 30.50 11.62
C THR A 279 -12.11 31.86 11.25
N ASP A 280 -11.56 31.96 10.02
CA ASP A 280 -10.86 33.20 9.64
C ASP A 280 -11.73 34.20 8.86
N GLY A 281 -13.00 33.85 8.67
CA GLY A 281 -13.97 34.74 8.06
C GLY A 281 -13.77 35.11 6.60
N ASP A 282 -13.01 34.30 5.87
CA ASP A 282 -12.69 34.65 4.48
C ASP A 282 -13.73 34.18 3.47
N GLY A 283 -14.78 33.53 3.98
CA GLY A 283 -15.89 33.10 3.13
C GLY A 283 -15.66 31.72 2.52
N VAL A 284 -14.53 31.11 2.90
CA VAL A 284 -14.22 29.74 2.54
C VAL A 284 -14.23 28.93 3.84
N GLY A 285 -15.23 28.08 4.00
CA GLY A 285 -15.38 27.31 5.20
C GLY A 285 -14.24 26.34 5.46
N ASP A 286 -14.01 26.06 6.74
CA ASP A 286 -12.85 25.29 7.16
C ASP A 286 -12.68 24.02 6.33
N HIS A 287 -13.79 23.34 6.07
CA HIS A 287 -13.70 22.04 5.41
C HIS A 287 -13.09 22.13 4.03
N CYS A 288 -13.19 23.28 3.38
CA CYS A 288 -12.58 23.46 2.05
C CYS A 288 -11.53 24.54 2.06
N ASP A 289 -11.18 25.05 3.23
CA ASP A 289 -10.20 26.12 3.31
C ASP A 289 -8.77 25.55 3.35
N ASN A 290 -7.98 25.79 2.29
CA ASN A 290 -6.62 25.27 2.22
C ASN A 290 -5.62 26.04 3.11
N CYS A 291 -6.16 26.99 3.85
CA CYS A 291 -5.40 27.84 4.71
C CYS A 291 -6.37 28.27 5.80
N PRO A 292 -6.86 27.31 6.61
CA PRO A 292 -8.00 27.52 7.52
C PRO A 292 -7.79 28.59 8.57
N LEU A 293 -6.54 28.88 8.93
CA LEU A 293 -6.24 29.89 9.95
C LEU A 293 -5.94 31.30 9.40
N VAL A 294 -5.67 31.41 8.11
CA VAL A 294 -5.20 32.65 7.51
C VAL A 294 -6.09 33.07 6.34
N HIS A 295 -6.54 34.32 6.39
CA HIS A 295 -7.41 34.89 5.36
C HIS A 295 -6.85 34.64 3.95
N ASN A 296 -7.66 34.03 3.10
CA ASN A 296 -7.28 33.83 1.69
C ASN A 296 -8.44 33.36 0.77
N PRO A 297 -9.36 34.26 0.44
CA PRO A 297 -10.55 33.92 -0.36
C PRO A 297 -10.23 33.24 -1.68
N ASP A 298 -9.05 33.49 -2.24
CA ASP A 298 -8.70 33.01 -3.58
C ASP A 298 -8.22 31.57 -3.61
N GLN A 299 -7.79 31.06 -2.45
CA GLN A 299 -7.37 29.66 -2.32
C GLN A 299 -6.24 29.28 -3.29
N THR A 300 -5.53 30.29 -3.80
CA THR A 300 -4.39 30.03 -4.66
C THR A 300 -3.41 29.08 -3.96
N ASP A 301 -2.99 28.05 -4.69
CA ASP A 301 -2.03 27.08 -4.21
C ASP A 301 -1.09 26.82 -5.37
N VAL A 302 -0.02 27.59 -5.41
CA VAL A 302 0.85 27.65 -6.59
C VAL A 302 1.79 26.46 -6.71
N ASP A 303 2.06 25.76 -5.60
CA ASP A 303 2.95 24.60 -5.65
C ASP A 303 2.23 23.28 -5.37
N ASN A 304 0.90 23.32 -5.43
CA ASN A 304 0.07 22.14 -5.46
C ASN A 304 0.30 21.14 -4.32
N ASP A 305 0.44 21.66 -3.09
CA ASP A 305 0.58 20.78 -1.91
C ASP A 305 -0.61 20.86 -0.96
N LEU A 306 -1.67 21.58 -1.35
CA LEU A 306 -2.91 21.68 -0.56
C LEU A 306 -2.80 22.63 0.64
N VAL A 307 -1.66 23.30 0.72
CA VAL A 307 -1.45 24.36 1.70
C VAL A 307 -1.40 25.68 0.94
N GLY A 308 -2.45 26.50 1.06
CA GLY A 308 -2.54 27.75 0.33
C GLY A 308 -1.32 28.68 0.47
N ASP A 309 -1.12 29.54 -0.53
CA ASP A 309 0.06 30.44 -0.58
C ASP A 309 0.33 31.20 0.71
N GLN A 310 -0.73 31.50 1.43
CA GLN A 310 -0.63 32.32 2.62
C GLN A 310 -0.07 31.60 3.86
N CYS A 311 -0.39 30.31 4.04
CA CYS A 311 0.23 29.51 5.09
C CYS A 311 1.54 28.99 4.61
N ASP A 312 1.76 29.05 3.30
CA ASP A 312 2.81 28.27 2.71
C ASP A 312 4.19 28.97 2.77
N ASN A 313 5.06 28.44 3.62
CA ASN A 313 6.42 28.98 3.78
C ASN A 313 7.50 27.99 3.37
N ASN A 314 7.11 26.79 2.94
CA ASN A 314 8.04 25.73 2.51
C ASN A 314 9.06 25.27 3.55
N GLU A 315 8.97 25.78 4.77
CA GLU A 315 9.93 25.43 5.81
C GLU A 315 9.66 24.01 6.27
N ASP A 316 10.41 23.06 5.73
CA ASP A 316 10.18 21.66 6.02
C ASP A 316 11.51 20.97 6.24
N ILE A 317 12.06 21.14 7.45
CA ILE A 317 13.41 20.72 7.78
C ILE A 317 13.70 19.20 7.69
N ASP A 318 12.68 18.35 7.74
CA ASP A 318 12.93 16.90 7.60
C ASP A 318 12.51 16.29 6.25
N ASP A 319 12.11 17.16 5.30
CA ASP A 319 11.83 16.78 3.90
C ASP A 319 10.74 15.72 3.66
N ASP A 320 9.81 15.59 4.61
CA ASP A 320 8.70 14.68 4.44
C ASP A 320 7.46 15.36 3.79
N GLY A 321 7.60 16.65 3.50
CA GLY A 321 6.61 17.39 2.75
C GLY A 321 5.49 17.99 3.58
N HIS A 322 5.58 17.85 4.91
CA HIS A 322 4.70 18.59 5.82
C HIS A 322 5.53 19.64 6.53
N GLN A 323 5.16 20.91 6.38
CA GLN A 323 6.00 21.98 6.91
C GLN A 323 6.10 21.95 8.42
N ASN A 324 7.13 22.59 8.94
CA ASN A 324 7.37 22.62 10.38
C ASN A 324 6.10 22.83 11.23
N ASN A 325 5.34 23.89 10.93
CA ASN A 325 4.15 24.22 11.75
C ASN A 325 2.94 23.29 11.56
N GLN A 326 3.07 22.36 10.61
CA GLN A 326 1.99 21.41 10.33
C GLN A 326 2.46 19.94 10.33
N ASP A 327 3.43 19.64 11.19
CA ASP A 327 4.08 18.33 11.22
C ASP A 327 4.01 17.86 12.65
N ASN A 328 3.37 16.70 12.86
CA ASN A 328 3.23 16.15 14.20
C ASN A 328 4.56 15.57 14.75
N CYS A 329 5.52 15.37 13.85
CA CYS A 329 6.91 15.13 14.23
C CYS A 329 7.80 16.08 13.43
N PRO A 330 7.90 17.34 13.86
CA PRO A 330 8.61 18.37 13.10
C PRO A 330 10.04 17.98 12.68
N TYR A 331 10.68 17.09 13.40
CA TYR A 331 12.12 16.84 13.22
C TYR A 331 12.46 15.50 12.63
N ILE A 332 11.50 14.59 12.70
CA ILE A 332 11.66 13.25 12.15
C ILE A 332 10.71 13.08 10.97
N SER A 333 11.25 12.67 9.82
CA SER A 333 10.44 12.41 8.63
C SER A 333 9.33 11.40 8.95
N ASN A 334 8.08 11.78 8.65
CA ASN A 334 6.97 10.86 8.63
C ASN A 334 5.85 11.29 7.69
N ALA A 335 6.08 11.09 6.40
CA ALA A 335 5.20 11.64 5.37
C ALA A 335 3.72 11.29 5.57
N ASN A 336 3.42 10.16 6.20
CA ASN A 336 2.02 9.77 6.41
C ASN A 336 1.37 10.41 7.65
N GLN A 337 2.21 10.93 8.55
CA GLN A 337 1.75 11.68 9.72
C GLN A 337 0.92 10.82 10.64
N ALA A 338 1.20 9.52 10.62
CA ALA A 338 0.40 8.55 11.34
C ALA A 338 0.42 8.91 12.81
N ASP A 339 -0.75 8.90 13.42
CA ASP A 339 -0.88 9.26 14.85
C ASP A 339 -2.03 8.46 15.47
N HIS A 340 -1.80 7.15 15.63
CA HIS A 340 -2.85 6.19 15.94
C HIS A 340 -3.62 6.41 17.28
N ASP A 341 -2.94 6.96 18.28
CA ASP A 341 -3.64 7.33 19.52
C ASP A 341 -4.20 8.74 19.50
N ARG A 342 -3.93 9.50 18.43
CA ARG A 342 -4.52 10.84 18.22
C ARG A 342 -4.09 11.87 19.30
N ASP A 343 -2.93 11.67 19.90
CA ASP A 343 -2.49 12.58 20.94
C ASP A 343 -1.59 13.71 20.41
N GLY A 344 -1.48 13.82 19.09
CA GLY A 344 -0.76 14.94 18.48
C GLY A 344 0.72 14.69 18.27
N GLN A 345 1.25 13.67 18.93
CA GLN A 345 2.60 13.21 18.65
C GLN A 345 2.59 12.02 17.66
N GLY A 346 3.22 12.21 16.50
CA GLY A 346 3.19 11.20 15.48
C GLY A 346 3.87 9.90 15.89
N ASP A 347 3.31 8.78 15.44
CA ASP A 347 3.90 7.48 15.66
C ASP A 347 5.43 7.57 15.64
N ALA A 348 5.95 8.29 14.65
CA ALA A 348 7.40 8.31 14.41
C ALA A 348 8.25 8.85 15.56
N CYS A 349 7.74 9.83 16.30
CA CYS A 349 8.48 10.39 17.43
C CYS A 349 7.91 9.99 18.80
N ASP A 350 6.73 9.38 18.79
CA ASP A 350 5.99 9.04 20.01
C ASP A 350 6.35 7.61 20.44
N PRO A 351 6.79 7.42 21.69
CA PRO A 351 7.31 6.12 22.14
C PRO A 351 6.22 5.19 22.64
N ASP A 352 4.97 5.59 22.47
CA ASP A 352 3.83 4.80 22.91
C ASP A 352 2.64 5.14 22.01
N ASP A 353 2.55 4.43 20.88
CA ASP A 353 1.65 4.85 19.79
C ASP A 353 0.16 4.61 20.07
N ASP A 354 -0.15 3.74 21.03
CA ASP A 354 -1.55 3.57 21.42
C ASP A 354 -1.86 4.12 22.81
N ASN A 355 -0.86 4.65 23.50
CA ASN A 355 -1.02 5.17 24.87
C ASN A 355 -1.55 4.10 25.86
N ASP A 356 -0.94 2.92 25.85
CA ASP A 356 -1.32 1.87 26.82
C ASP A 356 -0.23 1.53 27.85
N GLY A 357 0.75 2.42 27.99
CA GLY A 357 1.75 2.29 29.03
C GLY A 357 2.91 1.46 28.55
N VAL A 358 2.61 0.44 27.75
CA VAL A 358 3.65 -0.44 27.22
C VAL A 358 4.27 0.16 25.96
N PRO A 359 5.54 0.57 26.07
CA PRO A 359 6.19 1.32 25.01
C PRO A 359 6.29 0.54 23.71
N ASP A 360 6.46 1.26 22.62
CA ASP A 360 6.46 0.66 21.29
C ASP A 360 7.29 -0.60 21.25
N ASP A 361 8.57 -0.48 21.63
CA ASP A 361 9.53 -1.58 21.52
C ASP A 361 9.15 -2.86 22.27
N ARG A 362 8.24 -2.75 23.23
CA ARG A 362 7.93 -3.85 24.15
C ARG A 362 6.46 -4.32 24.06
N ASP A 363 5.75 -3.78 23.08
CA ASP A 363 4.30 -3.94 22.96
C ASP A 363 3.96 -4.96 21.86
N ASN A 364 3.32 -6.06 22.23
CA ASN A 364 2.92 -7.09 21.28
C ASN A 364 1.67 -6.71 20.46
N CYS A 365 1.04 -5.60 20.82
CA CYS A 365 0.06 -4.97 19.93
C CYS A 365 0.33 -3.47 19.86
N ARG A 366 1.30 -3.10 19.03
CA ARG A 366 1.79 -1.71 19.01
C ARG A 366 0.68 -0.65 18.86
N LEU A 367 -0.34 -0.95 18.04
CA LEU A 367 -1.35 0.06 17.71
C LEU A 367 -2.69 -0.07 18.44
N VAL A 368 -2.89 -1.17 19.16
CA VAL A 368 -4.14 -1.43 19.87
C VAL A 368 -3.89 -1.47 21.38
N PHE A 369 -4.64 -0.63 22.09
CA PHE A 369 -4.57 -0.54 23.55
C PHE A 369 -4.68 -1.94 24.20
N ASN A 370 -3.64 -2.32 24.96
CA ASN A 370 -3.67 -3.55 25.76
C ASN A 370 -2.55 -3.67 26.82
N PRO A 371 -2.67 -2.90 27.89
CA PRO A 371 -1.67 -2.87 28.97
C PRO A 371 -1.28 -4.26 29.51
N ASP A 372 -2.17 -5.24 29.39
CA ASP A 372 -1.87 -6.56 29.95
C ASP A 372 -1.35 -7.54 28.94
N GLN A 373 -1.16 -7.06 27.70
CA GLN A 373 -0.39 -7.77 26.70
C GLN A 373 -0.78 -9.26 26.58
N GLU A 374 -2.08 -9.55 26.63
CA GLU A 374 -2.58 -10.94 26.55
C GLU A 374 -2.23 -11.61 25.21
N ASP A 375 -1.42 -12.67 25.29
CA ASP A 375 -1.07 -13.50 24.16
C ASP A 375 -1.23 -14.96 24.56
N LEU A 376 -2.45 -15.48 24.49
CA LEU A 376 -2.78 -16.77 25.10
C LEU A 376 -2.58 -17.96 24.20
N ASP A 377 -2.14 -17.72 22.97
CA ASP A 377 -1.70 -18.80 22.10
C ASP A 377 -0.17 -18.77 21.97
N GLY A 378 0.45 -17.72 22.51
CA GLY A 378 1.92 -17.59 22.50
C GLY A 378 2.58 -17.19 21.18
N ASP A 379 1.83 -16.54 20.29
CA ASP A 379 2.37 -16.15 18.97
C ASP A 379 3.09 -14.81 18.95
N GLY A 380 3.39 -14.26 20.13
CA GLY A 380 4.17 -13.04 20.25
C GLY A 380 3.39 -11.78 19.92
N ARG A 381 2.14 -11.96 19.52
CA ARG A 381 1.22 -10.87 19.20
C ARG A 381 0.09 -10.91 20.23
N GLY A 382 -0.25 -9.78 20.81
CA GLY A 382 -1.42 -9.71 21.68
C GLY A 382 -2.67 -10.17 20.95
N ASP A 383 -3.51 -10.95 21.62
CA ASP A 383 -4.70 -11.51 20.98
C ASP A 383 -5.72 -10.47 20.55
N ILE A 384 -5.58 -9.25 21.05
CA ILE A 384 -6.56 -8.21 20.77
C ILE A 384 -6.41 -7.65 19.32
N CYS A 385 -5.21 -7.79 18.73
CA CYS A 385 -5.01 -7.39 17.33
C CYS A 385 -4.72 -8.61 16.45
N LYS A 386 -5.47 -9.69 16.68
CA LYS A 386 -5.17 -11.03 16.15
C LYS A 386 -5.06 -11.11 14.63
N ASP A 387 -5.94 -10.45 13.90
CA ASP A 387 -5.86 -10.58 12.44
C ASP A 387 -5.72 -9.23 11.75
N ASP A 388 -5.67 -8.17 12.57
CA ASP A 388 -5.94 -6.82 12.14
C ASP A 388 -5.11 -5.87 12.98
N PHE A 389 -3.78 -5.98 12.81
CA PHE A 389 -2.79 -5.23 13.56
C PHE A 389 -3.19 -3.76 13.84
N ASP A 390 -3.60 -3.04 12.81
CA ASP A 390 -3.92 -1.62 12.97
C ASP A 390 -5.39 -1.36 13.29
N ASN A 391 -6.17 -2.42 13.45
CA ASN A 391 -7.56 -2.29 13.92
C ASN A 391 -8.41 -1.34 13.07
N ASP A 392 -8.33 -1.49 11.76
CA ASP A 392 -9.20 -0.70 10.88
C ASP A 392 -10.23 -1.63 10.26
N ASN A 393 -10.32 -2.83 10.84
CA ASN A 393 -11.32 -3.84 10.47
C ASN A 393 -11.07 -4.53 9.11
N ILE A 394 -9.99 -4.13 8.44
CA ILE A 394 -9.55 -4.87 7.26
C ILE A 394 -8.39 -5.75 7.72
N PRO A 395 -8.53 -7.06 7.52
CA PRO A 395 -7.52 -8.03 7.97
C PRO A 395 -6.18 -7.78 7.30
N ASP A 396 -5.08 -8.10 8.00
CA ASP A 396 -3.73 -7.96 7.47
C ASP A 396 -3.62 -8.32 5.96
N ILE A 397 -4.03 -9.55 5.58
CA ILE A 397 -3.85 -10.02 4.18
C ILE A 397 -4.49 -9.16 3.12
N ASP A 398 -5.58 -8.46 3.45
CA ASP A 398 -6.25 -7.62 2.47
C ASP A 398 -5.92 -6.16 2.68
N ASP A 399 -4.99 -5.89 3.59
CA ASP A 399 -4.69 -4.53 3.96
C ASP A 399 -3.36 -4.12 3.35
N VAL A 400 -3.39 -3.15 2.44
CA VAL A 400 -2.19 -2.75 1.74
C VAL A 400 -1.25 -2.00 2.67
N CYS A 401 -1.79 -1.55 3.81
CA CYS A 401 -1.00 -0.94 4.87
C CYS A 401 -1.47 -1.45 6.24
N PRO A 402 -1.02 -2.66 6.61
CA PRO A 402 -1.45 -3.31 7.84
C PRO A 402 -1.04 -2.61 9.15
N GLU A 403 -0.09 -1.69 9.10
CA GLU A 403 0.33 -0.97 10.31
C GLU A 403 -0.04 0.49 10.17
N ASN A 404 -1.20 0.72 9.54
CA ASN A 404 -1.72 2.07 9.34
C ASN A 404 -3.24 2.06 9.12
N ASN A 405 -3.99 2.57 10.09
CA ASN A 405 -5.45 2.49 10.07
C ASN A 405 -6.14 3.47 9.11
N ALA A 406 -5.36 4.37 8.51
CA ALA A 406 -5.89 5.31 7.53
C ALA A 406 -5.87 4.77 6.09
N ILE A 407 -5.14 3.69 5.86
CA ILE A 407 -5.02 3.13 4.51
C ILE A 407 -5.15 1.63 4.53
N SER A 408 -6.03 1.10 3.69
CA SER A 408 -6.10 -0.34 3.49
C SER A 408 -6.28 -0.76 2.03
N GLU A 409 -6.80 0.15 1.21
CA GLU A 409 -7.07 -0.12 -0.21
C GLU A 409 -6.23 0.78 -1.09
N THR A 410 -5.66 0.20 -2.15
CA THR A 410 -5.20 1.00 -3.29
C THR A 410 -6.41 1.76 -3.86
N ASP A 411 -6.36 3.09 -3.82
CA ASP A 411 -7.49 3.91 -4.25
C ASP A 411 -7.09 5.28 -4.78
N PHE A 412 -7.30 5.48 -6.08
CA PHE A 412 -7.06 6.78 -6.70
C PHE A 412 -8.38 7.42 -7.11
N ARG A 413 -9.49 6.86 -6.65
CA ARG A 413 -10.80 7.37 -7.00
C ARG A 413 -10.93 8.88 -6.79
N ASN A 414 -10.38 9.40 -5.69
CA ASN A 414 -10.30 10.84 -5.53
C ASN A 414 -8.87 11.21 -5.76
N PHE A 415 -8.64 12.16 -6.65
CA PHE A 415 -7.28 12.59 -6.97
C PHE A 415 -7.19 14.08 -7.25
N GLN A 416 -6.02 14.64 -6.97
CA GLN A 416 -5.67 15.99 -7.37
C GLN A 416 -5.08 16.03 -8.78
N MSE A 417 -5.68 16.84 -9.64
CA MSE A 417 -5.05 17.20 -10.89
C MSE A 417 -3.98 18.27 -10.66
O MSE A 417 -4.27 19.36 -10.19
CB MSE A 417 -6.10 17.67 -11.88
CG MSE A 417 -7.20 16.67 -12.06
SE MSE A 417 -8.26 16.95 -13.65
CE MSE A 417 -6.83 17.30 -15.00
N VAL A 418 -2.75 17.90 -10.94
CA VAL A 418 -1.63 18.80 -10.83
C VAL A 418 -1.16 19.17 -12.25
N PRO A 419 -1.53 20.35 -12.71
CA PRO A 419 -1.10 20.85 -14.00
C PRO A 419 0.27 21.45 -13.89
N LEU A 420 1.19 21.03 -14.76
CA LEU A 420 2.60 21.29 -14.61
C LEU A 420 3.02 22.53 -15.45
N ASP A 421 2.12 22.98 -16.33
CA ASP A 421 2.39 24.14 -17.20
C ASP A 421 1.10 24.84 -17.61
N PRO A 422 0.43 25.47 -16.63
CA PRO A 422 -0.84 26.16 -16.89
C PRO A 422 -0.63 27.46 -17.66
N LYS A 423 -1.58 27.82 -18.53
CA LYS A 423 -1.47 29.04 -19.35
C LYS A 423 -2.83 29.68 -19.72
N GLY A 424 -3.08 29.91 -21.02
CA GLY A 424 -4.23 30.70 -21.44
C GLY A 424 -5.09 30.18 -22.59
N THR A 425 -4.56 29.28 -23.43
CA THR A 425 -5.33 28.69 -24.54
C THR A 425 -4.79 27.34 -25.00
N THR A 426 -3.48 27.27 -25.26
CA THR A 426 -2.78 26.01 -25.55
C THR A 426 -3.06 25.00 -24.43
N GLN A 427 -3.86 25.44 -23.46
CA GLN A 427 -4.20 24.66 -22.28
C GLN A 427 -5.02 23.41 -22.67
N ILE A 428 -4.31 22.32 -22.91
CA ILE A 428 -4.94 21.02 -23.11
C ILE A 428 -4.79 20.18 -21.85
N ASP A 429 -5.89 20.04 -21.12
CA ASP A 429 -5.87 19.35 -19.85
C ASP A 429 -5.94 17.86 -20.06
N PRO A 430 -5.27 17.09 -19.20
CA PRO A 430 -5.46 15.64 -19.19
C PRO A 430 -6.92 15.32 -18.85
N ASN A 431 -7.43 14.30 -19.50
CA ASN A 431 -8.72 13.78 -19.16
C ASN A 431 -8.54 12.38 -18.53
N TRP A 432 -8.90 12.25 -17.25
CA TRP A 432 -8.73 11.01 -16.50
C TRP A 432 -10.08 10.28 -16.31
N VAL A 433 -10.17 9.04 -16.76
CA VAL A 433 -11.36 8.26 -16.49
C VAL A 433 -11.00 7.15 -15.55
N ILE A 434 -11.86 6.93 -14.56
CA ILE A 434 -11.56 6.02 -13.46
C ILE A 434 -12.41 4.77 -13.56
N ARG A 435 -11.78 3.61 -13.50
CA ARG A 435 -12.50 2.35 -13.49
C ARG A 435 -11.98 1.54 -12.32
N HIS A 436 -12.44 0.28 -12.20
CA HIS A 436 -11.94 -0.64 -11.15
C HIS A 436 -11.90 0.01 -9.75
N GLN A 437 -12.93 0.76 -9.42
CA GLN A 437 -13.02 1.47 -8.13
C GLN A 437 -11.70 2.12 -7.67
N GLY A 438 -11.03 2.82 -8.59
CA GLY A 438 -9.91 3.66 -8.25
C GLY A 438 -8.57 3.00 -8.48
N LYS A 439 -8.61 1.84 -9.12
CA LYS A 439 -7.43 1.02 -9.30
C LYS A 439 -7.05 0.93 -10.79
N GLU A 440 -7.76 1.70 -11.60
CA GLU A 440 -7.42 1.83 -13.01
C GLU A 440 -7.81 3.21 -13.50
N LEU A 441 -6.85 3.90 -14.09
CA LEU A 441 -7.07 5.20 -14.72
C LEU A 441 -6.71 5.09 -16.20
N VAL A 442 -7.52 5.67 -17.06
CA VAL A 442 -7.17 5.88 -18.44
C VAL A 442 -7.06 7.39 -18.72
N GLN A 443 -5.87 7.83 -19.18
CA GLN A 443 -5.75 9.20 -19.70
C GLN A 443 -6.04 9.25 -21.19
N THR A 444 -6.91 10.17 -21.58
CA THR A 444 -7.56 10.13 -22.88
C THR A 444 -6.93 11.09 -23.92
N ALA A 445 -6.34 12.17 -23.44
CA ALA A 445 -6.04 13.32 -24.28
C ALA A 445 -4.54 13.54 -24.52
N ASN A 446 -4.24 14.12 -25.68
CA ASN A 446 -2.88 14.51 -26.02
C ASN A 446 -2.58 15.83 -25.32
N SER A 447 -2.06 15.75 -24.10
CA SER A 447 -2.21 16.85 -23.13
C SER A 447 -0.93 17.46 -22.63
N ASP A 448 -1.07 18.59 -21.94
CA ASP A 448 -0.01 19.23 -21.20
C ASP A 448 0.50 18.24 -20.19
N PRO A 449 1.70 18.46 -19.68
CA PRO A 449 2.18 17.65 -18.57
C PRO A 449 1.26 17.83 -17.34
N GLY A 450 0.94 16.71 -16.73
CA GLY A 450 -0.05 16.71 -15.67
C GLY A 450 0.10 15.47 -14.85
N ILE A 451 -0.26 15.57 -13.58
CA ILE A 451 -0.24 14.40 -12.70
C ILE A 451 -1.59 14.27 -12.12
N ALA A 452 -2.06 13.04 -11.95
CA ALA A 452 -3.19 12.80 -11.06
C ALA A 452 -2.57 12.13 -9.84
N VAL A 453 -2.62 12.83 -8.71
CA VAL A 453 -1.98 12.31 -7.51
C VAL A 453 -3.03 11.97 -6.51
N GLY A 454 -2.97 10.74 -6.00
CA GLY A 454 -3.86 10.27 -4.97
C GLY A 454 -3.56 10.96 -3.65
N PHE A 455 -4.39 10.73 -2.66
CA PHE A 455 -4.33 11.45 -1.39
C PHE A 455 -3.61 10.64 -0.29
N ASP A 456 -3.44 9.34 -0.48
CA ASP A 456 -2.73 8.52 0.53
C ASP A 456 -1.25 8.88 0.53
N GLU A 457 -0.64 8.87 1.71
CA GLU A 457 0.75 9.28 1.85
C GLU A 457 1.62 8.18 2.39
N PHE A 458 2.88 8.15 1.97
CA PHE A 458 3.76 7.03 2.27
C PHE A 458 5.15 7.45 2.68
N GLY A 459 5.69 6.75 3.66
CA GLY A 459 7.12 6.63 3.80
C GLY A 459 7.54 5.52 2.86
N SER A 460 8.00 4.41 3.43
CA SER A 460 8.36 3.23 2.64
C SER A 460 7.18 2.77 1.84
N VAL A 461 7.39 2.41 0.59
CA VAL A 461 6.29 2.00 -0.30
C VAL A 461 6.74 1.12 -1.48
N ASP A 462 5.85 0.21 -1.88
CA ASP A 462 5.95 -0.47 -3.14
C ASP A 462 4.72 -0.10 -3.94
N PHE A 463 4.92 0.19 -5.21
CA PHE A 463 3.87 0.69 -6.07
C PHE A 463 4.09 0.04 -7.43
N SER A 464 3.08 -0.65 -7.92
CA SER A 464 3.14 -1.24 -9.24
C SER A 464 1.87 -0.94 -9.96
N GLY A 465 1.90 -1.14 -11.27
CA GLY A 465 0.79 -0.77 -12.13
C GLY A 465 1.04 -1.24 -13.55
N THR A 466 -0.04 -1.41 -14.29
CA THR A 466 0.11 -1.85 -15.65
C THR A 466 0.02 -0.66 -16.57
N PHE A 467 0.97 -0.60 -17.50
CA PHE A 467 1.15 0.51 -18.40
C PHE A 467 0.90 -0.01 -19.79
N TYR A 468 -0.05 0.60 -20.49
CA TYR A 468 -0.48 0.13 -21.81
C TYR A 468 -1.06 1.30 -22.59
N VAL A 469 -0.53 1.53 -23.79
CA VAL A 469 -0.97 2.64 -24.61
C VAL A 469 -1.87 2.13 -25.73
N ASN A 470 -3.17 2.43 -25.65
CA ASN A 470 -4.19 1.82 -26.50
C ASN A 470 -4.47 2.68 -27.72
N THR A 471 -3.40 2.99 -28.45
CA THR A 471 -3.48 3.78 -29.67
C THR A 471 -2.15 3.70 -30.42
N ASP A 472 -2.19 3.96 -31.72
CA ASP A 472 -0.95 4.05 -32.48
C ASP A 472 -0.43 5.51 -32.53
N ARG A 473 -1.31 6.48 -32.23
CA ARG A 473 -0.91 7.88 -32.40
C ARG A 473 0.01 8.39 -31.33
N ASP A 474 1.07 9.03 -31.77
CA ASP A 474 2.06 9.68 -30.92
C ASP A 474 3.11 8.77 -30.28
N ASP A 475 4.16 9.40 -29.76
CA ASP A 475 5.30 8.67 -29.20
C ASP A 475 5.84 9.32 -27.93
N ASP A 476 4.94 9.76 -27.06
CA ASP A 476 5.39 10.62 -25.97
C ASP A 476 5.41 9.96 -24.58
N TYR A 477 5.20 10.77 -23.55
CA TYR A 477 5.50 10.37 -22.18
C TYR A 477 4.30 9.89 -21.43
N ALA A 478 4.52 8.83 -20.65
CA ALA A 478 3.64 8.51 -19.58
C ALA A 478 4.45 7.86 -18.48
N GLY A 479 3.85 7.67 -17.32
CA GLY A 479 4.52 7.00 -16.23
C GLY A 479 3.84 7.32 -14.94
N PHE A 480 4.61 7.47 -13.88
CA PHE A 480 4.01 7.70 -12.59
C PHE A 480 4.90 8.54 -11.70
N VAL A 481 4.33 9.12 -10.64
CA VAL A 481 5.15 9.81 -9.67
C VAL A 481 5.10 9.12 -8.33
N PHE A 482 6.18 9.28 -7.56
CA PHE A 482 6.15 8.94 -6.16
C PHE A 482 6.85 10.01 -5.34
N GLY A 483 6.73 9.89 -4.01
CA GLY A 483 7.23 10.90 -3.09
C GLY A 483 6.71 12.27 -3.46
N TYR A 484 5.49 12.35 -4.00
CA TYR A 484 4.98 13.63 -4.42
C TYR A 484 4.71 14.48 -3.21
N GLN A 485 5.25 15.68 -3.19
CA GLN A 485 5.08 16.58 -2.06
C GLN A 485 4.45 17.87 -2.55
N SER A 486 5.07 18.44 -3.58
CA SER A 486 4.53 19.64 -4.22
C SER A 486 4.88 19.57 -5.70
N SER A 487 4.27 20.43 -6.52
CA SER A 487 4.62 20.45 -7.93
C SER A 487 6.07 20.82 -8.18
N SER A 488 6.80 21.14 -7.12
CA SER A 488 8.24 21.39 -7.24
C SER A 488 9.04 20.31 -6.52
N ARG A 489 8.33 19.32 -5.98
CA ARG A 489 8.97 18.26 -5.21
C ARG A 489 8.31 16.90 -5.42
N PHE A 490 8.83 16.13 -6.37
CA PHE A 490 8.44 14.73 -6.53
C PHE A 490 9.53 13.96 -7.24
N TYR A 491 9.49 12.62 -7.13
CA TYR A 491 10.24 11.74 -8.02
C TYR A 491 9.26 11.34 -9.12
N VAL A 492 9.73 11.26 -10.35
CA VAL A 492 8.87 10.79 -11.43
C VAL A 492 9.55 9.73 -12.23
N VAL A 493 8.83 8.66 -12.53
CA VAL A 493 9.23 7.73 -13.57
C VAL A 493 8.39 8.00 -14.79
N MSE A 494 9.04 8.24 -15.92
CA MSE A 494 8.33 8.51 -17.17
C MSE A 494 8.98 7.75 -18.29
O MSE A 494 10.15 7.36 -18.21
CB MSE A 494 8.36 9.99 -17.49
CG MSE A 494 9.76 10.53 -17.71
SE MSE A 494 9.71 12.39 -18.31
CE MSE A 494 9.19 13.18 -16.51
N TRP A 495 8.24 7.57 -19.38
CA TRP A 495 8.69 6.66 -20.42
C TRP A 495 8.28 7.18 -21.77
N LYS A 496 9.28 7.42 -22.62
CA LYS A 496 9.02 7.90 -23.97
C LYS A 496 9.20 6.80 -25.02
N GLN A 497 8.32 6.80 -26.03
CA GLN A 497 8.45 5.84 -27.13
C GLN A 497 9.61 6.16 -28.10
N VAL A 498 9.51 7.30 -28.78
CA VAL A 498 10.56 7.70 -29.69
C VAL A 498 11.25 8.98 -29.21
N THR A 499 12.58 8.98 -29.29
CA THR A 499 13.37 10.15 -28.99
C THR A 499 12.90 11.35 -29.82
N GLN A 500 12.58 12.46 -29.15
CA GLN A 500 12.05 13.65 -29.79
C GLN A 500 12.50 14.85 -29.02
N THR A 501 12.98 15.87 -29.72
CA THR A 501 13.28 17.12 -29.06
C THR A 501 11.97 17.92 -28.92
N TYR A 502 11.77 18.48 -27.74
CA TYR A 502 10.57 19.22 -27.42
C TYR A 502 10.39 20.45 -28.35
N TRP A 503 9.14 20.74 -28.78
CA TRP A 503 8.86 21.78 -29.81
C TRP A 503 8.91 23.23 -29.27
N GLU A 504 9.26 23.38 -28.00
CA GLU A 504 9.62 24.70 -27.49
C GLU A 504 11.09 24.73 -27.07
N ASP A 505 11.92 25.46 -27.84
CA ASP A 505 13.32 25.66 -27.46
C ASP A 505 13.48 26.58 -26.25
N GLN A 506 12.41 27.30 -25.92
CA GLN A 506 12.37 28.14 -24.71
C GLN A 506 11.77 27.36 -23.53
N PRO A 507 12.26 27.61 -22.31
CA PRO A 507 13.40 28.51 -22.04
C PRO A 507 14.76 27.84 -22.24
N THR A 508 14.74 26.51 -22.34
CA THR A 508 15.93 25.72 -22.54
C THR A 508 15.58 24.62 -23.54
N ARG A 509 16.55 24.15 -24.29
CA ARG A 509 16.30 23.10 -25.27
C ARG A 509 16.21 21.78 -24.57
N ALA A 510 15.15 21.03 -24.86
CA ALA A 510 14.90 19.79 -24.17
C ALA A 510 14.91 18.62 -25.15
N TYR A 511 15.78 17.66 -24.90
CA TYR A 511 15.91 16.50 -25.78
C TYR A 511 15.46 15.29 -24.99
N GLY A 512 14.28 14.81 -25.33
CA GLY A 512 13.63 13.72 -24.62
C GLY A 512 13.91 12.41 -25.30
N TYR A 513 14.72 11.57 -24.65
CA TYR A 513 15.12 10.31 -25.25
C TYR A 513 14.13 9.23 -24.88
N SER A 514 14.04 8.22 -25.72
CA SER A 514 13.25 7.03 -25.42
C SER A 514 13.86 6.24 -24.28
N GLY A 515 12.99 5.63 -23.49
CA GLY A 515 13.43 4.79 -22.40
C GLY A 515 12.84 5.23 -21.10
N VAL A 516 12.84 4.33 -20.15
CA VAL A 516 12.33 4.61 -18.82
C VAL A 516 13.30 5.58 -18.11
N SER A 517 12.76 6.69 -17.63
CA SER A 517 13.55 7.73 -16.95
C SER A 517 13.11 7.89 -15.49
N LEU A 518 14.07 7.80 -14.57
CA LEU A 518 13.80 8.10 -13.18
C LEU A 518 14.36 9.48 -12.91
N LYS A 519 13.52 10.36 -12.37
CA LYS A 519 13.92 11.75 -12.19
C LYS A 519 13.43 12.27 -10.86
N VAL A 520 14.19 13.23 -10.33
CA VAL A 520 13.78 13.92 -9.13
C VAL A 520 13.65 15.40 -9.45
N VAL A 521 12.43 15.91 -9.28
CA VAL A 521 12.13 17.30 -9.51
C VAL A 521 12.48 18.06 -8.25
N ASN A 522 13.33 19.07 -8.39
CA ASN A 522 13.58 20.05 -7.31
C ASN A 522 13.64 21.46 -7.89
N SER A 523 12.48 22.04 -8.16
CA SER A 523 12.39 23.20 -9.03
C SER A 523 12.43 24.51 -8.23
N THR A 524 13.30 25.43 -8.66
CA THR A 524 13.38 26.77 -8.07
C THR A 524 12.27 27.71 -8.58
N THR A 525 11.63 27.34 -9.69
CA THR A 525 10.57 28.17 -10.30
C THR A 525 9.17 27.68 -9.99
N GLY A 526 9.01 26.36 -9.85
CA GLY A 526 7.70 25.74 -9.75
C GLY A 526 7.10 25.57 -11.12
N THR A 527 5.81 25.27 -11.19
CA THR A 527 5.15 24.98 -12.48
C THR A 527 5.33 26.08 -13.53
N GLY A 528 5.47 25.68 -14.78
CA GLY A 528 5.67 26.62 -15.86
C GLY A 528 6.61 26.06 -16.91
N GLU A 529 7.09 26.94 -17.77
CA GLU A 529 7.90 26.52 -18.87
C GLU A 529 9.28 25.93 -18.48
N HIS A 530 9.86 26.44 -17.40
CA HIS A 530 11.17 25.98 -16.99
C HIS A 530 11.13 24.55 -16.52
N LEU A 531 10.11 24.22 -15.73
CA LEU A 531 9.94 22.85 -15.25
C LEU A 531 9.45 21.95 -16.36
N ARG A 532 8.49 22.46 -17.16
CA ARG A 532 8.00 21.71 -18.31
C ARG A 532 9.14 21.16 -19.13
N ASN A 533 9.95 22.03 -19.71
CA ASN A 533 11.10 21.61 -20.52
C ASN A 533 12.03 20.66 -19.78
N ALA A 534 12.38 21.00 -18.54
CA ALA A 534 13.24 20.17 -17.73
C ALA A 534 12.70 18.75 -17.58
N LEU A 535 11.36 18.61 -17.51
CA LEU A 535 10.72 17.30 -17.33
C LEU A 535 10.88 16.43 -18.55
N TRP A 536 10.79 17.07 -19.72
CA TRP A 536 10.91 16.39 -20.99
C TRP A 536 12.35 16.01 -21.25
N HIS A 537 13.27 16.85 -20.79
CA HIS A 537 14.69 16.68 -21.08
C HIS A 537 15.29 15.49 -20.35
N THR A 538 15.93 14.61 -21.09
CA THR A 538 16.69 13.54 -20.49
C THR A 538 18.05 14.01 -20.00
N GLY A 539 18.17 14.19 -18.70
CA GLY A 539 19.41 14.68 -18.14
C GLY A 539 19.12 15.64 -17.03
N ASN A 540 20.12 16.41 -16.64
CA ASN A 540 20.01 17.32 -15.52
C ASN A 540 19.68 18.72 -16.01
N THR A 541 18.87 19.44 -15.26
CA THR A 541 18.60 20.82 -15.55
C THR A 541 18.72 21.53 -14.23
N PRO A 542 19.80 22.30 -14.08
CA PRO A 542 20.10 22.99 -12.81
C PRO A 542 18.89 23.82 -12.34
N GLY A 543 18.55 23.70 -11.04
CA GLY A 543 17.41 24.40 -10.46
C GLY A 543 16.05 23.86 -10.88
N GLN A 544 16.05 22.70 -11.51
CA GLN A 544 14.83 22.14 -12.04
C GLN A 544 14.71 20.62 -11.78
N VAL A 545 15.28 19.82 -12.67
CA VAL A 545 15.18 18.38 -12.60
C VAL A 545 16.58 17.77 -12.59
N ARG A 546 16.75 16.70 -11.83
CA ARG A 546 17.93 15.86 -11.92
C ARG A 546 17.48 14.42 -12.29
N THR A 547 18.01 13.91 -13.39
CA THR A 547 17.77 12.52 -13.78
C THR A 547 18.70 11.58 -12.97
N LEU A 548 18.09 10.62 -12.29
CA LEU A 548 18.81 9.68 -11.45
C LEU A 548 19.17 8.41 -12.22
N TRP A 549 18.32 8.00 -13.13
CA TRP A 549 18.62 6.86 -13.97
C TRP A 549 17.80 6.96 -15.22
N HIS A 550 18.34 6.42 -16.29
CA HIS A 550 17.63 6.32 -17.54
C HIS A 550 18.19 5.13 -18.27
N ASP A 551 17.31 4.27 -18.75
CA ASP A 551 17.72 3.10 -19.54
C ASP A 551 18.69 3.51 -20.64
N PRO A 552 19.95 3.10 -20.51
CA PRO A 552 20.96 3.41 -21.55
C PRO A 552 20.70 2.72 -22.90
N ARG A 553 19.94 1.63 -22.88
CA ARG A 553 19.58 1.01 -24.14
C ARG A 553 18.51 1.85 -24.87
N ASN A 554 17.83 2.71 -24.12
CA ASN A 554 16.91 3.69 -24.69
C ASN A 554 15.64 3.07 -25.29
N ILE A 555 15.16 1.99 -24.68
CA ILE A 555 14.09 1.20 -25.27
C ILE A 555 12.77 1.88 -25.04
N GLY A 556 12.04 2.13 -26.12
CA GLY A 556 10.75 2.79 -26.03
C GLY A 556 9.64 1.79 -25.78
N TRP A 557 8.55 2.24 -25.17
CA TRP A 557 7.35 1.40 -25.13
C TRP A 557 6.78 1.12 -26.53
N LYS A 558 6.11 0.01 -26.70
CA LYS A 558 5.48 -0.25 -27.99
C LYS A 558 4.00 0.03 -27.89
N ASP A 559 3.40 0.42 -29.01
CA ASP A 559 1.96 0.57 -29.09
C ASP A 559 1.31 -0.71 -28.65
N TYR A 560 0.15 -0.58 -27.99
CA TYR A 560 -0.76 -1.71 -27.78
C TYR A 560 -0.06 -2.83 -27.05
N THR A 561 0.78 -2.46 -26.09
CA THR A 561 1.62 -3.44 -25.39
C THR A 561 1.60 -3.31 -23.88
N ALA A 562 1.24 -4.39 -23.22
CA ALA A 562 1.15 -4.42 -21.76
C ALA A 562 2.53 -4.46 -21.10
N TYR A 563 2.78 -3.48 -20.24
CA TYR A 563 3.94 -3.52 -19.37
C TYR A 563 3.49 -3.43 -17.93
N ARG A 564 4.38 -3.86 -17.03
CA ARG A 564 4.17 -3.75 -15.59
C ARG A 564 5.39 -3.11 -14.94
N TRP A 565 5.18 -1.98 -14.26
CA TRP A 565 6.24 -1.37 -13.47
C TRP A 565 6.15 -1.82 -12.01
N HIS A 566 7.29 -1.89 -11.34
CA HIS A 566 7.29 -2.03 -9.91
C HIS A 566 8.27 -1.04 -9.31
N LEU A 567 7.75 -0.09 -8.53
CA LEU A 567 8.60 0.79 -7.73
C LEU A 567 8.78 0.26 -6.32
N THR A 568 10.03 0.17 -5.91
CA THR A 568 10.39 0.01 -4.52
C THR A 568 11.00 1.31 -4.06
N HIS A 569 10.43 1.92 -3.02
CA HIS A 569 11.00 3.14 -2.43
C HIS A 569 11.16 3.02 -0.92
N ARG A 570 12.38 3.19 -0.43
CA ARG A 570 12.63 3.20 1.02
C ARG A 570 13.31 4.50 1.44
N PRO A 571 12.50 5.55 1.68
CA PRO A 571 13.03 6.88 1.95
C PRO A 571 14.04 6.87 3.09
N LYS A 572 13.85 6.02 4.10
CA LYS A 572 14.74 5.93 5.27
C LYS A 572 16.23 5.79 4.93
N THR A 573 16.54 5.06 3.87
CA THR A 573 17.90 4.90 3.39
C THR A 573 18.07 5.71 2.13
N GLY A 574 16.96 5.92 1.42
CA GLY A 574 16.97 6.57 0.13
C GLY A 574 16.95 5.57 -1.03
N TYR A 575 16.72 4.30 -0.72
CA TYR A 575 16.71 3.25 -1.72
C TYR A 575 15.53 3.43 -2.71
N ILE A 576 15.85 3.36 -4.01
CA ILE A 576 14.85 3.32 -5.07
C ILE A 576 15.18 2.21 -6.07
N ARG A 577 14.19 1.42 -6.45
CA ARG A 577 14.36 0.43 -7.50
C ARG A 577 13.12 0.43 -8.38
N VAL A 578 13.35 0.59 -9.68
CA VAL A 578 12.30 0.57 -10.67
C VAL A 578 12.47 -0.64 -11.56
N LEU A 579 11.53 -1.57 -11.51
CA LEU A 579 11.49 -2.64 -12.51
C LEU A 579 10.35 -2.39 -13.47
N VAL A 580 10.60 -2.62 -14.75
CA VAL A 580 9.55 -2.68 -15.73
C VAL A 580 9.58 -4.03 -16.44
N HIS A 581 8.39 -4.61 -16.62
CA HIS A 581 8.23 -5.93 -17.20
C HIS A 581 7.51 -5.79 -18.53
N GLU A 582 7.95 -6.53 -19.54
CA GLU A 582 7.11 -6.78 -20.70
C GLU A 582 6.66 -8.21 -20.60
N GLY A 583 5.35 -8.41 -20.53
CA GLY A 583 4.80 -9.72 -20.21
C GLY A 583 5.41 -10.26 -18.92
N LYS A 584 6.07 -11.40 -19.01
CA LYS A 584 6.67 -12.03 -17.82
C LYS A 584 8.13 -11.65 -17.62
N GLN A 585 8.77 -11.15 -18.67
CA GLN A 585 10.21 -10.88 -18.65
C GLN A 585 10.54 -9.45 -18.28
N VAL A 586 11.42 -9.30 -17.30
CA VAL A 586 12.04 -8.02 -16.99
C VAL A 586 12.65 -7.41 -18.24
N MSE A 587 12.39 -6.14 -18.49
CA MSE A 587 12.97 -5.48 -19.62
C MSE A 587 13.68 -4.19 -19.22
O MSE A 587 14.36 -3.57 -20.04
CB MSE A 587 11.92 -5.23 -20.69
CG MSE A 587 10.95 -4.11 -20.37
SE MSE A 587 11.47 -2.48 -21.31
CE MSE A 587 10.00 -2.48 -22.66
N ALA A 588 13.52 -3.78 -17.97
CA ALA A 588 14.26 -2.64 -17.46
C ALA A 588 14.40 -2.73 -15.95
N ASP A 589 15.59 -2.43 -15.47
CA ASP A 589 15.89 -2.49 -14.05
C ASP A 589 16.86 -1.38 -13.76
N SER A 590 16.46 -0.41 -12.96
CA SER A 590 17.37 0.67 -12.60
C SER A 590 18.56 0.14 -11.79
N GLY A 591 18.40 -1.06 -11.22
CA GLY A 591 19.25 -1.51 -10.14
C GLY A 591 18.95 -0.60 -8.95
N PRO A 592 19.63 -0.83 -7.84
CA PRO A 592 19.50 0.04 -6.66
C PRO A 592 19.94 1.47 -6.96
N ILE A 593 19.12 2.43 -6.54
CA ILE A 593 19.41 3.84 -6.67
C ILE A 593 19.32 4.41 -5.27
N TYR A 594 20.06 5.48 -5.00
CA TYR A 594 19.97 6.11 -3.69
C TYR A 594 19.79 7.60 -3.79
N ASP A 595 18.71 8.09 -3.20
CA ASP A 595 18.43 9.50 -3.23
C ASP A 595 17.55 9.89 -2.07
N GLN A 596 18.02 10.84 -1.28
CA GLN A 596 17.31 11.25 -0.08
C GLN A 596 16.85 12.68 -0.15
N THR A 597 16.46 13.12 -1.34
CA THR A 597 15.83 14.42 -1.52
C THR A 597 14.49 14.52 -0.79
N TYR A 598 13.66 13.50 -0.92
CA TYR A 598 12.34 13.51 -0.31
C TYR A 598 12.08 12.22 0.44
N ALA A 599 11.68 12.37 1.70
CA ALA A 599 11.65 11.24 2.62
C ALA A 599 10.29 10.60 2.62
N GLY A 600 9.59 10.71 1.51
CA GLY A 600 8.26 10.15 1.39
C GLY A 600 7.35 11.11 0.70
N GLY A 601 6.12 10.67 0.45
CA GLY A 601 5.10 11.53 -0.14
C GLY A 601 4.00 10.72 -0.78
N ARG A 602 3.29 11.33 -1.71
CA ARG A 602 2.15 10.67 -2.37
C ARG A 602 2.54 10.08 -3.72
N LEU A 603 1.65 9.23 -4.22
CA LEU A 603 1.77 8.60 -5.52
C LEU A 603 0.80 9.23 -6.50
N GLY A 604 1.05 8.98 -7.78
CA GLY A 604 0.27 9.61 -8.81
C GLY A 604 0.63 9.05 -10.17
N LEU A 605 -0.23 9.29 -11.15
CA LEU A 605 0.05 8.87 -12.49
C LEU A 605 0.34 10.08 -13.35
N PHE A 606 1.15 9.88 -14.39
CA PHE A 606 1.80 10.97 -15.05
C PHE A 606 1.67 10.88 -16.55
N VAL A 607 1.27 11.99 -17.15
CA VAL A 607 1.25 12.06 -18.60
C VAL A 607 1.91 13.33 -19.11
N PHE A 608 2.58 13.21 -20.24
CA PHE A 608 3.15 14.36 -20.89
C PHE A 608 3.03 14.18 -22.40
N SER A 609 1.91 14.67 -22.94
CA SER A 609 1.62 14.66 -24.37
C SER A 609 1.38 13.28 -24.99
N GLN A 610 0.79 12.35 -24.23
CA GLN A 610 0.47 11.01 -24.75
C GLN A 610 -0.95 10.64 -24.40
N GLU A 611 -1.76 10.37 -25.40
CA GLU A 611 -3.15 10.05 -25.18
C GLU A 611 -3.35 8.54 -25.06
N MSE A 612 -4.55 8.14 -24.64
CA MSE A 612 -4.98 6.74 -24.63
C MSE A 612 -4.02 5.89 -23.81
O MSE A 612 -3.63 4.79 -24.22
CB MSE A 612 -5.13 6.21 -26.06
CG MSE A 612 -6.38 6.69 -26.81
SE MSE A 612 -7.98 6.67 -25.65
CE MSE A 612 -9.20 7.99 -26.66
N VAL A 613 -3.62 6.42 -22.66
CA VAL A 613 -2.73 5.69 -21.76
C VAL A 613 -3.54 4.98 -20.67
N TYR A 614 -3.37 3.67 -20.55
CA TYR A 614 -4.05 2.88 -19.53
C TYR A 614 -3.11 2.61 -18.41
N PHE A 615 -3.50 2.99 -17.20
CA PHE A 615 -2.76 2.68 -15.97
C PHE A 615 -3.57 1.64 -15.19
N SER A 616 -3.31 0.37 -15.46
CA SER A 616 -4.21 -0.66 -14.97
C SER A 616 -3.72 -1.46 -13.76
N ASP A 617 -4.68 -2.05 -13.04
CA ASP A 617 -4.42 -2.93 -11.92
C ASP A 617 -3.40 -2.33 -10.95
N LEU A 618 -3.66 -1.10 -10.57
CA LEU A 618 -2.78 -0.35 -9.68
C LEU A 618 -2.77 -0.97 -8.31
N LYS A 619 -1.58 -1.03 -7.72
CA LYS A 619 -1.43 -1.48 -6.34
C LYS A 619 -0.35 -0.68 -5.68
N TYR A 620 -0.64 -0.19 -4.48
CA TYR A 620 0.43 0.19 -3.59
C TYR A 620 0.37 -0.58 -2.26
N GLU A 621 1.52 -0.74 -1.63
CA GLU A 621 1.59 -1.29 -0.28
C GLU A 621 2.63 -0.55 0.57
N CYS A 622 2.35 -0.41 1.86
CA CYS A 622 3.34 0.02 2.83
C CYS A 622 4.25 -1.15 3.13
N ARG A 623 5.56 -0.88 3.16
CA ARG A 623 6.57 -1.90 3.41
C ARG A 623 7.49 -1.50 4.56
N ASP A 624 6.89 -0.95 5.62
CA ASP A 624 7.61 -0.50 6.81
C ASP A 624 7.65 -1.56 7.92
C1 NAG B . -9.68 -23.97 -3.80
C2 NAG B . -8.69 -24.91 -3.07
C3 NAG B . -8.13 -25.97 -4.04
C4 NAG B . -9.25 -26.73 -4.76
C5 NAG B . -10.25 -25.74 -5.39
C6 NAG B . -11.50 -26.47 -5.90
C7 NAG B . -6.75 -24.79 -1.52
C8 NAG B . -6.84 -24.36 -0.08
N2 NAG B . -7.60 -24.20 -2.40
O3 NAG B . -7.32 -26.88 -3.32
O4 NAG B . -8.68 -27.59 -5.73
O5 NAG B . -10.69 -24.74 -4.45
O6 NAG B . -11.16 -27.43 -6.87
O7 NAG B . -5.91 -25.65 -1.84
C1 NAG B . -8.71 -28.99 -5.31
C2 NAG B . -8.05 -29.90 -6.36
C3 NAG B . -8.26 -31.38 -5.97
C4 NAG B . -7.86 -31.68 -4.50
C5 NAG B . -8.35 -30.55 -3.55
C6 NAG B . -7.72 -30.68 -2.17
C7 NAG B . -7.70 -29.49 -8.76
C8 NAG B . -7.63 -30.61 -9.76
N2 NAG B . -8.53 -29.65 -7.71
O3 NAG B . -7.56 -32.24 -6.84
O4 NAG B . -8.45 -32.90 -4.08
O5 NAG B . -8.10 -29.25 -4.07
O6 NAG B . -8.70 -30.33 -1.21
O7 NAG B . -7.02 -28.47 -8.93
C1 MAN B . -7.55 -34.04 -4.08
C2 MAN B . -7.31 -34.50 -2.62
C3 MAN B . -7.03 -35.99 -2.43
C4 MAN B . -7.91 -36.83 -3.35
C5 MAN B . -7.68 -36.40 -4.80
C6 MAN B . -8.47 -37.28 -5.76
O2 MAN B . -8.43 -34.13 -1.82
O3 MAN B . -7.25 -36.37 -1.09
O4 MAN B . -7.60 -38.19 -3.18
O5 MAN B . -8.07 -35.04 -4.98
O6 MAN B . -8.18 -36.95 -7.10
C1 NAG C . 16.46 21.70 -3.82
C2 NAG C . 16.96 21.34 -2.41
C3 NAG C . 17.36 22.53 -1.52
C4 NAG C . 17.77 23.81 -2.26
C5 NAG C . 16.92 23.98 -3.52
C6 NAG C . 17.29 25.23 -4.31
C7 NAG C . 16.14 19.51 -0.99
C8 NAG C . 17.46 18.79 -1.11
N2 NAG C . 15.92 20.58 -1.74
O3 NAG C . 18.41 22.12 -0.68
O4 NAG C . 17.61 24.92 -1.40
O5 NAG C . 17.13 22.84 -4.32
O6 NAG C . 17.94 24.88 -5.51
O7 NAG C . 15.28 19.09 -0.22
C1 NAG C . 18.88 25.60 -1.21
C2 NAG C . 18.62 27.00 -0.62
C3 NAG C . 19.93 27.74 -0.39
C4 NAG C . 20.96 26.88 0.35
C5 NAG C . 21.06 25.47 -0.26
C6 NAG C . 21.94 24.56 0.56
C7 NAG C . 16.59 28.31 -1.05
C8 NAG C . 16.31 29.74 -1.44
N2 NAG C . 17.75 27.79 -1.49
O3 NAG C . 19.68 28.91 0.37
O4 NAG C . 22.22 27.52 0.31
O5 NAG C . 19.77 24.88 -0.37
O6 NAG C . 22.66 23.70 -0.30
O7 NAG C . 15.78 27.70 -0.36
C1 NAG D . 11.92 -51.65 57.67
C2 NAG D . 13.10 -51.49 58.64
C3 NAG D . 12.65 -50.82 59.95
C4 NAG D . 11.79 -49.59 59.69
C5 NAG D . 10.71 -49.85 58.63
C6 NAG D . 9.97 -48.58 58.23
C7 NAG D . 14.98 -52.94 59.36
C8 NAG D . 16.03 -52.07 58.79
N2 NAG D . 13.73 -52.78 58.89
O3 NAG D . 13.76 -50.44 60.72
O4 NAG D . 11.20 -49.21 60.92
O5 NAG D . 11.30 -50.41 57.47
O6 NAG D . 8.58 -48.80 58.33
O7 NAG D . 15.30 -53.77 60.22
C1 NAG E . 14.73 -36.44 56.79
C2 NAG E . 15.39 -36.30 58.18
C3 NAG E . 14.44 -36.77 59.30
C4 NAG E . 13.08 -36.08 59.20
C5 NAG E . 12.51 -36.10 57.77
C6 NAG E . 11.33 -35.15 57.63
C7 NAG E . 17.69 -36.49 58.97
C8 NAG E . 18.66 -35.56 58.26
N2 NAG E . 16.67 -36.97 58.25
O3 NAG E . 15.00 -36.50 60.56
O4 NAG E . 12.18 -36.69 60.10
O5 NAG E . 13.50 -35.72 56.79
O6 NAG E . 10.29 -35.48 58.54
O7 NAG E . 17.87 -36.76 60.15
CA CA F . -4.49 -0.39 7.13
CA CA G . -5.99 -3.80 9.13
CA CA H . -1.76 -13.97 20.02
CA CA I . 1.81 0.90 23.47
CA CA J . -0.76 -2.27 22.72
CA CA K . 1.68 8.35 22.70
CA CA L . 0.77 9.64 19.13
CA CA M . 6.37 5.30 17.92
CA CA N . 8.04 14.77 10.22
CA CA O . 8.28 18.12 7.78
CA CA P . 4.92 24.23 -0.07
CA CA Q . 0.91 25.35 -1.49
CA CA R . 1.94 14.43 -28.10
CA CA S . 2.85 5.25 -31.09
CA CA T . 5.47 13.13 -30.14
CA CA U . -26.67 15.78 -6.90
CA CA V . -8.30 30.94 4.82
CA CA W . -11.89 30.36 6.08
CA CA X . -21.24 22.67 1.75
CA CA Y . -24.73 23.01 -0.15
CA CA Z . -28.66 17.69 -19.41
CA CA AA . -29.36 15.91 -22.63
CA CA BA . -27.64 3.71 -25.27
CA CA CA . -25.05 1.36 -27.13
CA CA DA . -20.45 -6.13 -22.60
CA CA EA . -22.34 -5.35 -25.69
CA CA FA . -17.16 -0.15 -24.94
CA CA GA . -5.83 -10.15 -18.38
CA CA HA . -8.41 -7.25 -20.18
CA CA IA . 10.85 -32.35 38.34
#